data_3QI4
#
_entry.id   3QI4
#
_cell.length_a   103.409
_cell.length_b   103.409
_cell.length_c   269.950
_cell.angle_alpha   90.00
_cell.angle_beta   90.00
_cell.angle_gamma   90.00
#
_symmetry.space_group_name_H-M   'P 41 21 2'
#
loop_
_entity.id
_entity.type
_entity.pdbx_description
1 polymer "High affinity cGMP-specific 3',5'-cyclic phosphodiesterase 9A"
2 non-polymer 3-ISOBUTYL-1-METHYLXANTHINE
3 non-polymer 'ZINC ION'
4 non-polymer 'MAGNESIUM ION'
5 water water
#
_entity_poly.entity_id   1
_entity_poly.type   'polypeptide(L)'
_entity_poly.pdbx_seq_one_letter_code
;MGSGSSSYRPKAIYLDIDGRIQKVIFSKYCNSSDIMDLFCIATGLPRNTTISLLTTDDAMVSIDPTMPANSERTPYKVRP
VAIKQLSEREELIQSVLAQVAEQFSRAFKINELKAEVANHLAVLEKRVELEGLKVVEIEKCKSDIKKMREELAARSSRTN
CPCKYSFLDNHKKLTPRRDVPTYPKYLLSPETIEALRKPTFDVWLWEPNEMLSCLEHMYHDLGLVRDFSINPVTLRRWLF
CVHDNYRNNPFHNFRHCFCVAQMMYSMVWLCSLQEKFSQTDILILMTAAICHDLDHPGYNNTYQINARTELAVRYNDISP
LENHHCAVAFQILAEPECNIFSNIPPDGFKQIRQGMITLILATDMARHAEIMDSFKEKMENFDYSNEEHMTLLKMILIKC
CDISNEVRPMEVAEPWVDCLLEEYFMQSDREKSEGLPVAPFMDRDKVTKATAEIGFIKFVLIPMFETVTKLFPMVEEIML
QPLWESRDRYEELKRIDDAMKELQKKTDSLTSGATEKSRERSRDVKNSEGDCA
;
_entity_poly.pdbx_strand_id   A,B
#
loop_
_chem_comp.id
_chem_comp.type
_chem_comp.name
_chem_comp.formula
IBM non-polymer 3-ISOBUTYL-1-METHYLXANTHINE 'C10 H14 N4 O2'
MG non-polymer 'MAGNESIUM ION' 'Mg 2'
ZN non-polymer 'ZINC ION' 'Zn 2'
#
# COMPACT_ATOMS: atom_id res chain seq x y z
N PRO A 181 -2.99 -1.12 17.60
CA PRO A 181 -2.86 -2.44 18.30
C PRO A 181 -1.50 -3.12 18.06
N THR A 182 -1.54 -4.34 17.54
CA THR A 182 -0.34 -5.12 17.23
C THR A 182 -0.49 -5.53 15.76
N TYR A 183 -0.17 -4.60 14.88
CA TYR A 183 -0.28 -4.76 13.43
C TYR A 183 0.41 -5.97 12.81
N PRO A 184 -0.12 -6.48 11.69
CA PRO A 184 0.43 -7.64 10.97
C PRO A 184 1.78 -7.35 10.29
N LYS A 185 2.52 -8.42 9.99
CA LYS A 185 3.84 -8.31 9.38
C LYS A 185 3.98 -7.38 8.17
N TYR A 186 3.15 -7.57 7.15
CA TYR A 186 3.23 -6.74 5.95
C TYR A 186 3.05 -5.24 6.20
N LEU A 187 2.76 -4.88 7.44
CA LEU A 187 2.63 -3.47 7.78
C LEU A 187 3.91 -3.08 8.50
N LEU A 188 4.87 -2.59 7.73
CA LEU A 188 6.18 -2.19 8.26
C LEU A 188 6.02 -1.23 9.43
N SER A 189 6.77 -1.47 10.49
CA SER A 189 6.72 -0.59 11.65
C SER A 189 7.61 0.61 11.36
N PRO A 190 7.38 1.74 12.04
CA PRO A 190 8.21 2.92 11.80
C PRO A 190 9.71 2.63 12.04
N GLU A 191 9.98 1.65 12.89
CA GLU A 191 11.36 1.25 13.18
C GLU A 191 11.98 0.60 11.92
N THR A 192 11.20 -0.24 11.26
CA THR A 192 11.66 -0.94 10.06
C THR A 192 11.89 0.04 8.91
N ILE A 193 10.93 0.94 8.71
CA ILE A 193 11.00 1.94 7.64
C ILE A 193 12.23 2.82 7.82
N GLU A 194 12.63 3.02 9.07
CA GLU A 194 13.78 3.85 9.38
C GLU A 194 15.08 3.10 9.07
N ALA A 195 15.14 1.84 9.49
CA ALA A 195 16.30 1.01 9.29
C ALA A 195 16.55 0.68 7.82
N LEU A 196 15.48 0.62 7.05
CA LEU A 196 15.55 0.30 5.63
C LEU A 196 16.48 1.23 4.86
N ARG A 197 16.80 2.38 5.45
CA ARG A 197 17.66 3.38 4.83
C ARG A 197 19.16 3.16 5.01
N LYS A 198 19.54 2.32 5.95
CA LYS A 198 20.94 2.04 6.24
C LYS A 198 21.35 0.68 5.68
N PRO A 199 22.63 0.54 5.30
CA PRO A 199 23.15 -0.71 4.75
C PRO A 199 23.30 -1.80 5.83
N THR A 200 22.95 -1.45 7.07
CA THR A 200 23.03 -2.39 8.19
C THR A 200 21.75 -3.21 8.30
N PHE A 201 20.76 -2.88 7.47
CA PHE A 201 19.48 -3.57 7.49
C PHE A 201 19.66 -5.09 7.40
N ASP A 202 18.95 -5.81 8.27
CA ASP A 202 19.02 -7.26 8.29
C ASP A 202 18.06 -7.84 7.27
N VAL A 203 18.58 -8.11 6.09
CA VAL A 203 17.79 -8.66 5.00
C VAL A 203 17.24 -10.07 5.27
N TRP A 204 17.75 -10.74 6.30
CA TRP A 204 17.29 -12.10 6.59
C TRP A 204 16.05 -12.22 7.48
N LEU A 205 15.72 -11.16 8.20
CA LEU A 205 14.57 -11.21 9.09
C LEU A 205 13.23 -11.19 8.40
N TRP A 206 13.22 -11.00 7.10
CA TRP A 206 11.92 -10.86 6.45
C TRP A 206 11.47 -11.92 5.46
N GLU A 207 10.15 -12.08 5.40
CA GLU A 207 9.53 -13.02 4.49
C GLU A 207 9.20 -12.24 3.22
N PRO A 208 8.99 -12.93 2.10
CA PRO A 208 8.68 -12.25 0.85
C PRO A 208 7.64 -11.12 0.88
N ASN A 209 6.49 -11.36 1.50
CA ASN A 209 5.47 -10.32 1.54
C ASN A 209 5.96 -9.04 2.25
N GLU A 210 6.82 -9.20 3.26
CA GLU A 210 7.33 -8.05 3.99
C GLU A 210 8.39 -7.32 3.15
N MET A 211 9.14 -8.07 2.35
CA MET A 211 10.15 -7.47 1.50
C MET A 211 9.45 -6.73 0.38
N LEU A 212 8.35 -7.29 -0.12
CA LEU A 212 7.60 -6.63 -1.17
C LEU A 212 7.11 -5.27 -0.69
N SER A 213 6.69 -5.22 0.58
CA SER A 213 6.21 -3.97 1.19
C SER A 213 7.33 -2.96 1.30
N CYS A 214 8.54 -3.44 1.61
CA CYS A 214 9.68 -2.57 1.74
C CYS A 214 9.99 -1.93 0.38
N LEU A 215 9.97 -2.75 -0.67
CA LEU A 215 10.24 -2.25 -2.01
C LEU A 215 9.19 -1.23 -2.39
N GLU A 216 7.94 -1.54 -2.04
CA GLU A 216 6.85 -0.63 -2.34
C GLU A 216 7.13 0.70 -1.65
N HIS A 217 7.46 0.64 -0.36
CA HIS A 217 7.74 1.85 0.40
C HIS A 217 8.81 2.70 -0.28
N MET A 218 9.82 2.04 -0.83
CA MET A 218 10.92 2.73 -1.49
C MET A 218 10.45 3.59 -2.65
N TYR A 219 9.52 3.07 -3.45
CA TYR A 219 9.07 3.86 -4.58
C TYR A 219 8.28 5.09 -4.14
N HIS A 220 7.48 4.94 -3.08
CA HIS A 220 6.72 6.08 -2.57
C HIS A 220 7.67 7.07 -1.91
N ASP A 221 8.56 6.56 -1.08
CA ASP A 221 9.52 7.40 -0.36
C ASP A 221 10.48 8.23 -1.24
N LEU A 222 10.95 7.63 -2.33
CA LEU A 222 11.88 8.31 -3.25
C LEU A 222 11.16 9.30 -4.17
N GLY A 223 9.83 9.33 -4.09
CA GLY A 223 9.06 10.25 -4.91
C GLY A 223 8.78 9.75 -6.31
N LEU A 224 9.10 8.49 -6.57
CA LEU A 224 8.87 7.90 -7.89
C LEU A 224 7.39 7.71 -8.23
N VAL A 225 6.60 7.29 -7.25
CA VAL A 225 5.17 7.08 -7.49
C VAL A 225 4.55 8.42 -7.86
N ARG A 226 4.96 9.43 -7.11
CA ARG A 226 4.49 10.79 -7.30
C ARG A 226 4.93 11.39 -8.64
N ASP A 227 6.23 11.50 -8.86
CA ASP A 227 6.75 12.09 -10.09
C ASP A 227 6.53 11.33 -11.41
N PHE A 228 6.13 10.07 -11.35
CA PHE A 228 5.90 9.32 -12.58
C PHE A 228 4.48 8.81 -12.66
N SER A 229 3.63 9.27 -11.74
CA SER A 229 2.22 8.88 -11.71
C SER A 229 2.03 7.37 -11.71
N ILE A 230 2.90 6.67 -11.01
CA ILE A 230 2.77 5.23 -10.93
C ILE A 230 1.50 4.93 -10.14
N ASN A 231 0.63 4.13 -10.74
CA ASN A 231 -0.60 3.71 -10.08
C ASN A 231 -0.16 2.82 -8.91
N PRO A 232 -0.47 3.23 -7.67
CA PRO A 232 -0.09 2.46 -6.48
C PRO A 232 -0.48 0.99 -6.46
N VAL A 233 -1.61 0.62 -7.06
CA VAL A 233 -2.00 -0.78 -7.06
C VAL A 233 -1.15 -1.54 -8.07
N THR A 234 -0.90 -0.90 -9.21
CA THR A 234 -0.08 -1.49 -10.25
C THR A 234 1.33 -1.74 -9.71
N LEU A 235 1.83 -0.79 -8.93
CA LEU A 235 3.15 -0.92 -8.34
C LEU A 235 3.21 -2.21 -7.54
N ARG A 236 2.12 -2.53 -6.83
CA ARG A 236 2.04 -3.75 -6.03
C ARG A 236 1.96 -4.98 -6.93
N ARG A 237 1.09 -4.94 -7.93
CA ARG A 237 0.98 -6.07 -8.84
C ARG A 237 2.32 -6.34 -9.50
N TRP A 238 2.98 -5.28 -9.96
CA TRP A 238 4.27 -5.39 -10.62
C TRP A 238 5.33 -6.08 -9.75
N LEU A 239 5.41 -5.66 -8.48
CA LEU A 239 6.38 -6.24 -7.56
C LEU A 239 6.07 -7.71 -7.34
N PHE A 240 4.78 -8.02 -7.28
CA PHE A 240 4.35 -9.39 -7.08
C PHE A 240 4.71 -10.24 -8.31
N CYS A 241 4.56 -9.67 -9.50
CA CYS A 241 4.87 -10.39 -10.71
C CYS A 241 6.37 -10.58 -10.82
N VAL A 242 7.12 -9.57 -10.41
CA VAL A 242 8.57 -9.64 -10.43
C VAL A 242 9.03 -10.77 -9.49
N HIS A 243 8.40 -10.84 -8.31
CA HIS A 243 8.71 -11.85 -7.31
C HIS A 243 8.46 -13.25 -7.87
N ASP A 244 7.36 -13.39 -8.58
CA ASP A 244 7.01 -14.68 -9.16
C ASP A 244 7.98 -15.11 -10.25
N ASN A 245 8.75 -14.18 -10.80
CA ASN A 245 9.69 -14.53 -11.86
C ASN A 245 11.11 -14.75 -11.39
N TYR A 246 11.31 -14.71 -10.08
CA TYR A 246 12.63 -15.01 -9.54
C TYR A 246 12.56 -16.49 -9.18
N ARG A 247 13.65 -17.22 -9.42
CA ARG A 247 13.67 -18.64 -9.11
C ARG A 247 14.22 -18.94 -7.73
N ASN A 248 13.92 -20.14 -7.23
CA ASN A 248 14.38 -20.57 -5.92
C ASN A 248 15.80 -21.10 -5.95
N ASN A 249 16.74 -20.22 -6.28
CA ASN A 249 18.14 -20.61 -6.31
C ASN A 249 18.72 -20.31 -4.93
N PRO A 250 19.83 -20.96 -4.59
CA PRO A 250 20.38 -20.67 -3.27
C PRO A 250 20.86 -19.23 -3.14
N PHE A 251 21.31 -18.65 -4.25
CA PHE A 251 21.79 -17.28 -4.23
C PHE A 251 20.97 -16.33 -5.09
N HIS A 252 20.95 -16.58 -6.40
CA HIS A 252 20.21 -15.72 -7.32
C HIS A 252 18.71 -15.88 -7.23
N ASN A 253 18.18 -15.38 -6.12
CA ASN A 253 16.76 -15.45 -5.83
C ASN A 253 16.21 -14.06 -5.50
N PHE A 254 14.94 -14.03 -5.14
CA PHE A 254 14.28 -12.79 -4.80
C PHE A 254 14.92 -12.04 -3.62
N ARG A 255 15.43 -12.75 -2.63
CA ARG A 255 16.04 -12.06 -1.50
C ARG A 255 17.33 -11.33 -1.92
N HIS A 256 18.06 -11.85 -2.92
CA HIS A 256 19.27 -11.18 -3.39
C HIS A 256 18.79 -9.90 -4.08
N CYS A 257 17.71 -10.07 -4.83
CA CYS A 257 17.06 -8.98 -5.54
C CYS A 257 16.76 -7.85 -4.55
N PHE A 258 16.10 -8.19 -3.44
CA PHE A 258 15.76 -7.22 -2.42
C PHE A 258 17.01 -6.57 -1.82
N CYS A 259 18.09 -7.34 -1.69
CA CYS A 259 19.35 -6.82 -1.15
C CYS A 259 19.96 -5.73 -2.03
N VAL A 260 19.97 -5.98 -3.34
CA VAL A 260 20.55 -5.03 -4.29
C VAL A 260 19.71 -3.76 -4.29
N ALA A 261 18.39 -3.92 -4.35
CA ALA A 261 17.48 -2.78 -4.35
C ALA A 261 17.60 -1.98 -3.05
N GLN A 262 17.69 -2.69 -1.92
CA GLN A 262 17.80 -2.03 -0.61
C GLN A 262 19.16 -1.33 -0.45
N MET A 263 20.20 -1.89 -1.07
CA MET A 263 21.51 -1.28 -0.97
C MET A 263 21.50 0.00 -1.83
N MET A 264 20.85 -0.09 -2.99
CA MET A 264 20.74 1.05 -3.90
C MET A 264 19.99 2.18 -3.20
N TYR A 265 18.92 1.81 -2.50
CA TYR A 265 18.09 2.74 -1.76
C TYR A 265 18.94 3.41 -0.68
N SER A 266 19.84 2.65 -0.06
CA SER A 266 20.71 3.19 0.99
C SER A 266 21.72 4.14 0.39
N MET A 267 22.19 3.80 -0.81
CA MET A 267 23.17 4.60 -1.52
C MET A 267 22.57 5.97 -1.81
N VAL A 268 21.30 5.97 -2.21
CA VAL A 268 20.61 7.21 -2.51
C VAL A 268 20.68 8.16 -1.32
N TRP A 269 20.49 7.65 -0.11
CA TRP A 269 20.54 8.49 1.09
C TRP A 269 21.96 8.79 1.53
N LEU A 270 22.81 7.78 1.61
CA LEU A 270 24.20 7.98 2.01
C LEU A 270 24.91 8.99 1.12
N CYS A 271 24.76 8.84 -0.20
CA CYS A 271 25.41 9.73 -1.15
C CYS A 271 24.59 10.93 -1.61
N SER A 272 23.36 11.05 -1.13
CA SER A 272 22.49 12.17 -1.51
C SER A 272 22.32 12.20 -3.03
N LEU A 273 22.14 11.02 -3.62
CA LEU A 273 21.99 10.92 -5.05
C LEU A 273 20.91 11.79 -5.69
N GLN A 274 19.93 12.24 -4.90
CA GLN A 274 18.86 13.06 -5.46
C GLN A 274 19.25 14.52 -5.66
N GLU A 275 20.52 14.84 -5.43
CA GLU A 275 21.01 16.19 -5.64
C GLU A 275 21.89 16.14 -6.88
N LYS A 276 22.23 14.93 -7.30
CA LYS A 276 23.09 14.73 -8.47
C LYS A 276 22.30 14.15 -9.63
N PHE A 277 21.32 13.32 -9.31
CA PHE A 277 20.53 12.67 -10.34
C PHE A 277 19.09 13.15 -10.43
N SER A 278 18.53 13.03 -11.62
CA SER A 278 17.15 13.41 -11.86
C SER A 278 16.32 12.24 -11.36
N GLN A 279 15.02 12.46 -11.19
CA GLN A 279 14.14 11.40 -10.74
C GLN A 279 14.15 10.25 -11.75
N THR A 280 14.34 10.57 -13.02
CA THR A 280 14.36 9.54 -14.04
C THR A 280 15.56 8.62 -13.84
N ASP A 281 16.71 9.17 -13.47
CA ASP A 281 17.88 8.34 -13.23
C ASP A 281 17.62 7.43 -12.03
N ILE A 282 17.03 8.00 -10.97
CA ILE A 282 16.71 7.24 -9.77
C ILE A 282 15.75 6.08 -10.12
N LEU A 283 14.72 6.37 -10.90
CA LEU A 283 13.77 5.35 -11.28
C LEU A 283 14.52 4.22 -12.01
N ILE A 284 15.45 4.62 -12.86
CA ILE A 284 16.25 3.69 -13.64
C ILE A 284 17.15 2.82 -12.73
N LEU A 285 17.80 3.45 -11.76
CA LEU A 285 18.66 2.73 -10.85
C LEU A 285 17.88 1.73 -10.00
N MET A 286 16.74 2.17 -9.49
CA MET A 286 15.93 1.32 -8.63
C MET A 286 15.26 0.18 -9.39
N THR A 287 14.62 0.49 -10.51
CA THR A 287 13.94 -0.54 -11.26
C THR A 287 14.92 -1.56 -11.83
N ALA A 288 16.12 -1.10 -12.19
CA ALA A 288 17.12 -2.01 -12.72
C ALA A 288 17.66 -2.88 -11.59
N ALA A 289 17.80 -2.31 -10.40
CA ALA A 289 18.30 -3.09 -9.28
C ALA A 289 17.32 -4.22 -8.96
N ILE A 290 16.03 -3.94 -9.05
CA ILE A 290 15.03 -4.94 -8.76
C ILE A 290 14.93 -6.00 -9.85
N CYS A 291 15.15 -5.59 -11.10
CA CYS A 291 15.02 -6.53 -12.21
C CYS A 291 16.30 -7.18 -12.72
N HIS A 292 17.46 -6.79 -12.20
CA HIS A 292 18.73 -7.28 -12.71
C HIS A 292 19.05 -8.78 -12.77
N ASP A 293 18.35 -9.61 -12.01
CA ASP A 293 18.60 -11.06 -12.03
C ASP A 293 17.36 -11.89 -12.30
N LEU A 294 16.36 -11.30 -12.94
CA LEU A 294 15.13 -12.02 -13.22
C LEU A 294 15.30 -13.35 -13.92
N ASP A 295 14.65 -14.38 -13.37
CA ASP A 295 14.66 -15.73 -13.94
C ASP A 295 16.06 -16.30 -14.13
N HIS A 296 16.92 -16.05 -13.17
CA HIS A 296 18.29 -16.56 -13.21
C HIS A 296 18.19 -18.07 -13.02
N PRO A 297 18.86 -18.85 -13.89
CA PRO A 297 18.82 -20.31 -13.81
C PRO A 297 19.74 -20.98 -12.77
N GLY A 298 20.65 -20.22 -12.18
CA GLY A 298 21.54 -20.81 -11.20
C GLY A 298 22.90 -21.21 -11.74
N TYR A 299 23.10 -21.04 -13.04
CA TYR A 299 24.38 -21.37 -13.70
C TYR A 299 24.79 -20.13 -14.49
N ASN A 300 26.02 -19.67 -14.30
CA ASN A 300 26.50 -18.47 -14.96
C ASN A 300 26.66 -18.53 -16.49
N ASN A 301 27.11 -17.41 -17.08
CA ASN A 301 27.29 -17.33 -18.53
C ASN A 301 28.30 -18.32 -19.09
N THR A 302 29.38 -18.57 -18.35
CA THR A 302 30.37 -19.52 -18.81
C THR A 302 29.72 -20.89 -19.00
N TYR A 303 28.88 -21.30 -18.06
CA TYR A 303 28.23 -22.58 -18.24
C TYR A 303 27.28 -22.53 -19.44
N GLN A 304 26.52 -21.45 -19.55
CA GLN A 304 25.56 -21.29 -20.67
C GLN A 304 26.26 -21.42 -22.01
N ILE A 305 27.40 -20.77 -22.12
CA ILE A 305 28.16 -20.79 -23.34
C ILE A 305 28.81 -22.15 -23.64
N ASN A 306 29.56 -22.69 -22.67
CA ASN A 306 30.23 -23.98 -22.86
C ASN A 306 29.23 -25.12 -23.11
N ALA A 307 28.09 -25.08 -22.44
CA ALA A 307 27.07 -26.12 -22.58
C ALA A 307 26.17 -25.88 -23.77
N ARG A 308 26.40 -24.77 -24.48
CA ARG A 308 25.60 -24.40 -25.64
C ARG A 308 24.11 -24.49 -25.33
N THR A 309 23.69 -23.92 -24.21
CA THR A 309 22.28 -23.92 -23.81
C THR A 309 21.46 -23.08 -24.76
N GLU A 310 20.14 -23.15 -24.62
CA GLU A 310 19.29 -22.38 -25.49
C GLU A 310 19.47 -20.87 -25.31
N LEU A 311 19.85 -20.45 -24.11
CA LEU A 311 20.05 -19.02 -23.87
C LEU A 311 21.31 -18.54 -24.55
N ALA A 312 22.35 -19.36 -24.51
CA ALA A 312 23.61 -18.99 -25.14
C ALA A 312 23.41 -18.90 -26.66
N VAL A 313 22.57 -19.78 -27.20
CA VAL A 313 22.29 -19.80 -28.63
C VAL A 313 21.45 -18.59 -29.02
N ARG A 314 20.49 -18.25 -28.17
CA ARG A 314 19.60 -17.13 -28.43
C ARG A 314 20.31 -15.78 -28.41
N TYR A 315 21.26 -15.63 -27.50
CA TYR A 315 22.00 -14.39 -27.40
C TYR A 315 23.41 -14.43 -27.96
N ASN A 316 23.71 -15.47 -28.74
CA ASN A 316 25.01 -15.61 -29.38
C ASN A 316 26.21 -15.40 -28.47
N ASP A 317 26.17 -16.02 -27.29
CA ASP A 317 27.25 -15.95 -26.32
C ASP A 317 27.56 -14.53 -25.81
N ILE A 318 26.70 -13.57 -26.12
CA ILE A 318 26.88 -12.18 -25.67
C ILE A 318 26.05 -12.00 -24.38
N SER A 319 26.72 -12.00 -23.23
CA SER A 319 26.05 -11.86 -21.92
C SER A 319 24.64 -12.42 -21.92
N PRO A 320 24.49 -13.71 -22.28
CA PRO A 320 23.14 -14.32 -22.31
C PRO A 320 22.27 -14.19 -21.07
N LEU A 321 22.85 -14.35 -19.88
CA LEU A 321 22.04 -14.23 -18.67
C LEU A 321 21.46 -12.82 -18.51
N GLU A 322 22.32 -11.80 -18.57
CA GLU A 322 21.85 -10.43 -18.41
C GLU A 322 20.84 -10.01 -19.48
N ASN A 323 21.09 -10.39 -20.74
CA ASN A 323 20.15 -10.06 -21.82
C ASN A 323 18.80 -10.67 -21.50
N HIS A 324 18.84 -11.87 -20.92
CA HIS A 324 17.61 -12.58 -20.56
C HIS A 324 16.88 -11.88 -19.40
N HIS A 325 17.62 -11.43 -18.39
CA HIS A 325 17.00 -10.74 -17.25
C HIS A 325 16.22 -9.54 -17.79
N CYS A 326 16.84 -8.77 -18.69
CA CYS A 326 16.21 -7.59 -19.31
C CYS A 326 14.93 -7.94 -20.04
N ALA A 327 15.06 -8.88 -20.97
CA ALA A 327 13.91 -9.32 -21.75
C ALA A 327 12.75 -9.67 -20.81
N VAL A 328 13.03 -10.41 -19.74
CA VAL A 328 11.95 -10.77 -18.83
C VAL A 328 11.40 -9.51 -18.18
N ALA A 329 12.30 -8.63 -17.78
CA ALA A 329 11.89 -7.38 -17.15
C ALA A 329 10.87 -6.66 -18.02
N PHE A 330 11.12 -6.58 -19.33
CA PHE A 330 10.19 -5.87 -20.17
C PHE A 330 8.99 -6.65 -20.64
N GLN A 331 9.06 -7.97 -20.56
CA GLN A 331 7.90 -8.76 -20.95
C GLN A 331 6.90 -8.55 -19.81
N ILE A 332 7.43 -8.47 -18.59
CA ILE A 332 6.62 -8.24 -17.41
C ILE A 332 5.97 -6.86 -17.51
N LEU A 333 6.78 -5.84 -17.77
CA LEU A 333 6.27 -4.48 -17.92
C LEU A 333 5.33 -4.34 -19.12
N ALA A 334 5.37 -5.30 -20.03
CA ALA A 334 4.49 -5.23 -21.20
C ALA A 334 3.07 -5.57 -20.79
N GLU A 335 2.91 -6.32 -19.71
CA GLU A 335 1.58 -6.66 -19.23
C GLU A 335 0.96 -5.41 -18.61
N PRO A 336 -0.15 -4.91 -19.19
CA PRO A 336 -0.85 -3.72 -18.72
C PRO A 336 -1.11 -3.61 -17.23
N GLU A 337 -1.38 -4.75 -16.60
CA GLU A 337 -1.66 -4.82 -15.17
C GLU A 337 -0.41 -4.60 -14.31
N CYS A 338 0.76 -4.81 -14.89
CA CYS A 338 2.02 -4.64 -14.17
C CYS A 338 2.85 -3.47 -14.68
N ASN A 339 2.34 -2.76 -15.68
CA ASN A 339 3.10 -1.67 -16.27
C ASN A 339 3.20 -0.41 -15.42
N ILE A 340 4.18 -0.36 -14.51
CA ILE A 340 4.30 0.82 -13.69
C ILE A 340 4.64 2.06 -14.49
N PHE A 341 4.89 1.91 -15.80
CA PHE A 341 5.21 3.04 -16.64
C PHE A 341 4.04 3.50 -17.52
N SER A 342 2.84 2.98 -17.26
CA SER A 342 1.66 3.35 -18.04
C SER A 342 1.46 4.85 -18.25
N ASN A 343 1.75 5.66 -17.24
CA ASN A 343 1.53 7.09 -17.38
C ASN A 343 2.74 7.92 -17.70
N ILE A 344 3.78 7.27 -18.19
CA ILE A 344 4.97 8.01 -18.56
C ILE A 344 4.86 8.21 -20.07
N PRO A 345 5.09 9.43 -20.55
CA PRO A 345 4.99 9.63 -22.00
C PRO A 345 6.03 8.74 -22.73
N PRO A 346 5.73 8.35 -23.97
CA PRO A 346 6.61 7.50 -24.80
C PRO A 346 8.09 7.85 -24.84
N ASP A 347 8.43 9.14 -24.89
CA ASP A 347 9.84 9.55 -24.91
C ASP A 347 10.51 9.17 -23.60
N GLY A 348 9.74 9.27 -22.51
CA GLY A 348 10.25 8.93 -21.20
C GLY A 348 10.44 7.44 -21.09
N PHE A 349 9.49 6.68 -21.64
CA PHE A 349 9.60 5.24 -21.60
C PHE A 349 10.89 4.82 -22.30
N LYS A 350 11.09 5.31 -23.53
CA LYS A 350 12.29 4.97 -24.29
C LYS A 350 13.56 5.32 -23.52
N GLN A 351 13.57 6.47 -22.88
CA GLN A 351 14.73 6.90 -22.13
C GLN A 351 15.00 5.97 -20.94
N ILE A 352 13.92 5.54 -20.28
CA ILE A 352 14.04 4.63 -19.14
C ILE A 352 14.48 3.24 -19.57
N ARG A 353 13.86 2.74 -20.64
CA ARG A 353 14.20 1.42 -21.17
C ARG A 353 15.68 1.33 -21.53
N GLN A 354 16.17 2.35 -22.23
CA GLN A 354 17.57 2.41 -22.64
C GLN A 354 18.46 2.38 -21.40
N GLY A 355 18.13 3.19 -20.40
CA GLY A 355 18.92 3.22 -19.19
C GLY A 355 18.92 1.89 -18.44
N MET A 356 17.76 1.27 -18.33
CA MET A 356 17.68 0.00 -17.62
C MET A 356 18.48 -1.08 -18.35
N ILE A 357 18.34 -1.15 -19.66
CA ILE A 357 19.06 -2.15 -20.41
C ILE A 357 20.56 -1.98 -20.21
N THR A 358 21.02 -0.73 -20.20
CA THR A 358 22.43 -0.47 -20.02
C THR A 358 22.90 -0.91 -18.64
N LEU A 359 22.12 -0.64 -17.61
CA LEU A 359 22.53 -1.03 -16.26
C LEU A 359 22.47 -2.54 -16.05
N ILE A 360 21.40 -3.18 -16.46
CA ILE A 360 21.30 -4.61 -16.27
C ILE A 360 22.41 -5.35 -17.01
N LEU A 361 22.74 -4.92 -18.22
CA LEU A 361 23.81 -5.58 -18.97
C LEU A 361 25.16 -5.29 -18.32
N ALA A 362 25.27 -4.20 -17.57
CA ALA A 362 26.53 -3.88 -16.93
C ALA A 362 26.85 -4.77 -15.74
N THR A 363 25.85 -5.50 -15.23
CA THR A 363 26.11 -6.35 -14.07
C THR A 363 26.94 -7.59 -14.37
N ASP A 364 27.05 -7.96 -15.65
CA ASP A 364 27.85 -9.12 -16.06
C ASP A 364 29.30 -8.91 -15.66
N MET A 365 29.74 -9.62 -14.62
CA MET A 365 31.10 -9.51 -14.11
C MET A 365 32.20 -9.72 -15.15
N ALA A 366 31.87 -10.36 -16.26
CA ALA A 366 32.88 -10.57 -17.29
C ALA A 366 33.40 -9.22 -17.78
N ARG A 367 32.56 -8.19 -17.68
CA ARG A 367 32.92 -6.84 -18.14
C ARG A 367 33.43 -5.93 -17.03
N HIS A 368 33.64 -6.47 -15.84
CA HIS A 368 34.09 -5.65 -14.72
C HIS A 368 35.32 -4.76 -14.94
N ALA A 369 36.39 -5.33 -15.49
CA ALA A 369 37.61 -4.55 -15.71
C ALA A 369 37.41 -3.45 -16.77
N GLU A 370 36.66 -3.79 -17.81
CA GLU A 370 36.34 -2.87 -18.90
C GLU A 370 35.60 -1.64 -18.33
N ILE A 371 34.51 -1.91 -17.63
CA ILE A 371 33.72 -0.85 -17.03
C ILE A 371 34.49 -0.06 -15.99
N MET A 372 35.32 -0.72 -15.21
CA MET A 372 36.11 -0.03 -14.21
C MET A 372 37.10 0.91 -14.87
N ASP A 373 37.79 0.41 -15.90
CA ASP A 373 38.76 1.24 -16.60
C ASP A 373 38.12 2.49 -17.19
N SER A 374 36.96 2.33 -17.83
CA SER A 374 36.26 3.47 -18.40
C SER A 374 35.91 4.48 -17.30
N PHE A 375 35.33 4.00 -16.21
CA PHE A 375 34.96 4.88 -15.12
C PHE A 375 36.17 5.64 -14.57
N LYS A 376 37.27 4.92 -14.37
CA LYS A 376 38.48 5.54 -13.83
C LYS A 376 39.05 6.59 -14.79
N GLU A 377 38.83 6.38 -16.07
CA GLU A 377 39.29 7.30 -17.10
C GLU A 377 38.46 8.57 -16.97
N LYS A 378 37.15 8.41 -16.90
CA LYS A 378 36.25 9.54 -16.76
C LYS A 378 36.49 10.19 -15.39
N MET A 379 36.96 9.39 -14.45
CA MET A 379 37.20 9.87 -13.10
C MET A 379 38.38 10.82 -13.00
N GLU A 380 39.17 10.92 -14.07
CA GLU A 380 40.32 11.82 -14.09
C GLU A 380 39.86 13.28 -14.00
N ASN A 381 38.66 13.53 -14.51
CA ASN A 381 38.04 14.86 -14.50
C ASN A 381 36.55 14.61 -14.63
N PHE A 382 35.92 14.14 -13.54
CA PHE A 382 34.50 13.83 -13.58
C PHE A 382 33.58 15.02 -13.76
N ASP A 383 32.66 14.88 -14.71
CA ASP A 383 31.70 15.93 -15.01
C ASP A 383 30.26 15.46 -14.76
N TYR A 384 29.62 15.99 -13.72
CA TYR A 384 28.25 15.56 -13.43
C TYR A 384 27.26 15.94 -14.52
N SER A 385 27.64 16.83 -15.42
CA SER A 385 26.73 17.24 -16.48
C SER A 385 27.02 16.48 -17.78
N ASN A 386 28.08 15.69 -17.80
CA ASN A 386 28.40 14.92 -18.97
C ASN A 386 27.58 13.63 -18.91
N GLU A 387 26.68 13.47 -19.87
CA GLU A 387 25.79 12.31 -19.92
C GLU A 387 26.52 10.97 -19.99
N GLU A 388 27.68 10.96 -20.64
CA GLU A 388 28.46 9.73 -20.77
C GLU A 388 29.12 9.40 -19.42
N HIS A 389 29.41 10.42 -18.65
CA HIS A 389 30.02 10.26 -17.34
C HIS A 389 28.99 9.68 -16.37
N MET A 390 27.76 10.20 -16.44
CA MET A 390 26.70 9.75 -15.55
C MET A 390 26.30 8.31 -15.82
N THR A 391 26.32 7.92 -17.10
CA THR A 391 25.97 6.56 -17.48
C THR A 391 26.98 5.61 -16.83
N LEU A 392 28.26 5.96 -16.90
CA LEU A 392 29.28 5.13 -16.29
C LEU A 392 29.13 5.12 -14.77
N LEU A 393 28.75 6.25 -14.19
CA LEU A 393 28.58 6.31 -12.75
C LEU A 393 27.38 5.43 -12.34
N LYS A 394 26.31 5.45 -13.12
CA LYS A 394 25.17 4.61 -12.76
C LYS A 394 25.52 3.12 -12.90
N MET A 395 26.31 2.78 -13.91
CA MET A 395 26.74 1.40 -14.11
C MET A 395 27.57 0.94 -12.90
N ILE A 396 28.40 1.84 -12.38
CA ILE A 396 29.22 1.51 -11.22
C ILE A 396 28.34 1.38 -9.99
N LEU A 397 27.35 2.25 -9.86
CA LEU A 397 26.45 2.20 -8.71
C LEU A 397 25.71 0.89 -8.63
N ILE A 398 25.12 0.44 -9.75
CA ILE A 398 24.38 -0.80 -9.72
C ILE A 398 25.33 -1.99 -9.54
N LYS A 399 26.57 -1.87 -10.03
CA LYS A 399 27.54 -2.95 -9.86
C LYS A 399 27.94 -3.04 -8.39
N CYS A 400 28.03 -1.89 -7.73
CA CYS A 400 28.38 -1.85 -6.32
C CYS A 400 27.30 -2.52 -5.49
N CYS A 401 26.04 -2.22 -5.82
CA CYS A 401 24.91 -2.77 -5.09
C CYS A 401 24.74 -4.27 -5.33
N ASP A 402 25.05 -4.71 -6.54
CA ASP A 402 24.91 -6.10 -6.91
C ASP A 402 25.87 -7.02 -6.14
N ILE A 403 27.08 -6.55 -5.87
CA ILE A 403 28.05 -7.38 -5.15
C ILE A 403 28.44 -6.71 -3.85
N SER A 404 27.45 -6.16 -3.15
CA SER A 404 27.67 -5.43 -1.91
C SER A 404 27.45 -6.21 -0.60
N ASN A 405 27.15 -7.50 -0.68
CA ASN A 405 26.92 -8.25 0.55
C ASN A 405 27.96 -8.01 1.65
N GLU A 406 29.24 -8.05 1.29
CA GLU A 406 30.29 -7.88 2.29
C GLU A 406 30.30 -6.54 3.01
N VAL A 407 29.63 -5.55 2.44
CA VAL A 407 29.54 -4.23 3.06
C VAL A 407 28.60 -4.31 4.27
N ARG A 408 27.66 -5.24 4.23
CA ARG A 408 26.71 -5.42 5.33
C ARG A 408 27.38 -6.02 6.56
N PRO A 409 26.73 -5.92 7.73
CA PRO A 409 27.28 -6.47 8.97
C PRO A 409 27.62 -7.94 8.78
N MET A 410 28.69 -8.36 9.45
CA MET A 410 29.18 -9.72 9.36
C MET A 410 28.11 -10.82 9.47
N GLU A 411 27.21 -10.69 10.44
CA GLU A 411 26.16 -11.70 10.62
C GLU A 411 25.20 -11.76 9.44
N VAL A 412 25.07 -10.66 8.71
CA VAL A 412 24.18 -10.63 7.56
C VAL A 412 24.90 -11.11 6.29
N ALA A 413 26.16 -10.71 6.14
CA ALA A 413 26.94 -11.08 4.96
C ALA A 413 27.37 -12.55 4.90
N GLU A 414 27.87 -13.07 6.02
CA GLU A 414 28.33 -14.46 6.13
C GLU A 414 27.47 -15.49 5.41
N PRO A 415 26.18 -15.59 5.74
CA PRO A 415 25.36 -16.59 5.06
C PRO A 415 25.26 -16.47 3.54
N TRP A 416 25.37 -15.25 3.00
CA TRP A 416 25.29 -15.10 1.55
C TRP A 416 26.44 -15.83 0.84
N VAL A 417 27.62 -15.80 1.43
CA VAL A 417 28.77 -16.46 0.82
C VAL A 417 28.53 -17.97 0.71
N ASP A 418 27.90 -18.55 1.72
CA ASP A 418 27.61 -19.98 1.68
C ASP A 418 26.62 -20.26 0.56
N CYS A 419 25.62 -19.39 0.40
CA CYS A 419 24.64 -19.56 -0.66
C CYS A 419 25.30 -19.49 -2.02
N LEU A 420 26.26 -18.58 -2.18
CA LEU A 420 26.93 -18.44 -3.47
C LEU A 420 27.73 -19.70 -3.81
N LEU A 421 28.53 -20.18 -2.86
CA LEU A 421 29.34 -21.37 -3.09
C LEU A 421 28.47 -22.59 -3.38
N GLU A 422 27.30 -22.67 -2.73
CA GLU A 422 26.39 -23.77 -2.98
C GLU A 422 26.05 -23.77 -4.47
N GLU A 423 25.80 -22.58 -5.00
CA GLU A 423 25.46 -22.42 -6.39
C GLU A 423 26.65 -22.73 -7.30
N TYR A 424 27.81 -22.19 -6.94
CA TYR A 424 29.02 -22.44 -7.71
C TYR A 424 29.38 -23.92 -7.75
N PHE A 425 29.34 -24.58 -6.59
CA PHE A 425 29.68 -26.00 -6.55
C PHE A 425 28.71 -26.81 -7.39
N MET A 426 27.44 -26.42 -7.37
CA MET A 426 26.44 -27.12 -8.16
C MET A 426 26.86 -27.09 -9.63
N GLN A 427 27.30 -25.93 -10.10
CA GLN A 427 27.71 -25.75 -11.47
C GLN A 427 28.98 -26.53 -11.81
N SER A 428 29.98 -26.46 -10.93
CA SER A 428 31.23 -27.16 -11.16
C SER A 428 31.02 -28.67 -11.21
N ASP A 429 30.15 -29.19 -10.34
CA ASP A 429 29.86 -30.60 -10.33
C ASP A 429 29.25 -31.00 -11.67
N ARG A 430 28.29 -30.21 -12.12
CA ARG A 430 27.62 -30.47 -13.39
C ARG A 430 28.63 -30.38 -14.54
N GLU A 431 29.47 -29.35 -14.53
CA GLU A 431 30.47 -29.18 -15.59
C GLU A 431 31.45 -30.35 -15.62
N LYS A 432 31.73 -30.94 -14.46
CA LYS A 432 32.66 -32.06 -14.38
C LYS A 432 32.06 -33.32 -14.99
N SER A 433 30.81 -33.63 -14.65
CA SER A 433 30.17 -34.82 -15.19
C SER A 433 29.47 -34.55 -16.52
N GLU A 434 30.03 -33.61 -17.28
CA GLU A 434 29.48 -33.25 -18.58
C GLU A 434 30.67 -32.96 -19.49
N GLY A 435 31.86 -32.97 -18.91
CA GLY A 435 33.07 -32.75 -19.67
C GLY A 435 33.36 -31.31 -20.05
N LEU A 436 32.60 -30.38 -19.45
CA LEU A 436 32.79 -28.96 -19.73
C LEU A 436 33.88 -28.43 -18.83
N PRO A 437 34.59 -27.39 -19.28
CA PRO A 437 35.65 -26.87 -18.41
C PRO A 437 35.08 -26.31 -17.09
N VAL A 438 35.88 -26.42 -16.02
CA VAL A 438 35.50 -25.96 -14.69
C VAL A 438 36.42 -24.84 -14.23
N ALA A 439 35.83 -23.73 -13.78
CA ALA A 439 36.62 -22.60 -13.31
C ALA A 439 37.13 -22.88 -11.91
N PRO A 440 38.43 -22.69 -11.68
CA PRO A 440 39.04 -22.93 -10.37
C PRO A 440 38.29 -22.28 -9.21
N PHE A 441 37.79 -21.06 -9.42
CA PHE A 441 37.10 -20.36 -8.35
C PHE A 441 35.76 -20.97 -7.98
N MET A 442 35.33 -21.96 -8.76
CA MET A 442 34.08 -22.67 -8.48
C MET A 442 34.38 -24.13 -8.17
N ASP A 443 35.66 -24.48 -8.21
CA ASP A 443 36.09 -25.84 -7.97
C ASP A 443 36.07 -26.20 -6.49
N ARG A 444 35.23 -27.19 -6.18
CA ARG A 444 35.06 -27.70 -4.83
C ARG A 444 36.38 -28.07 -4.16
N ASP A 445 37.31 -28.61 -4.95
CA ASP A 445 38.59 -29.04 -4.42
C ASP A 445 39.65 -27.95 -4.35
N LYS A 446 39.40 -26.79 -4.93
CA LYS A 446 40.39 -25.72 -4.92
C LYS A 446 40.01 -24.43 -4.18
N VAL A 447 38.73 -24.22 -3.95
CA VAL A 447 38.31 -22.99 -3.28
C VAL A 447 37.82 -23.19 -1.85
N THR A 448 38.16 -22.25 -0.98
CA THR A 448 37.73 -22.25 0.41
C THR A 448 37.03 -20.91 0.59
N LYS A 449 35.97 -20.87 1.40
CA LYS A 449 35.25 -19.62 1.61
C LYS A 449 36.20 -18.48 1.95
N ALA A 450 37.15 -18.75 2.84
CA ALA A 450 38.11 -17.75 3.25
C ALA A 450 38.97 -17.19 2.11
N THR A 451 39.65 -18.06 1.37
CA THR A 451 40.51 -17.60 0.29
C THR A 451 39.70 -16.92 -0.81
N ALA A 452 38.45 -17.34 -0.95
CA ALA A 452 37.55 -16.78 -1.94
C ALA A 452 37.20 -15.32 -1.64
N GLU A 453 36.72 -15.06 -0.43
CA GLU A 453 36.37 -13.70 -0.04
C GLU A 453 37.57 -12.77 0.04
N ILE A 454 38.67 -13.25 0.63
CA ILE A 454 39.86 -12.43 0.74
C ILE A 454 40.27 -11.80 -0.59
N GLY A 455 40.35 -12.64 -1.63
CA GLY A 455 40.74 -12.14 -2.94
C GLY A 455 39.70 -11.25 -3.59
N PHE A 456 38.45 -11.58 -3.40
CA PHE A 456 37.35 -10.82 -3.97
C PHE A 456 37.18 -9.46 -3.29
N ILE A 457 37.50 -9.41 -2.01
CA ILE A 457 37.37 -8.18 -1.26
C ILE A 457 38.53 -7.24 -1.53
N LYS A 458 39.72 -7.81 -1.70
CA LYS A 458 40.91 -7.00 -1.93
C LYS A 458 41.16 -6.59 -3.37
N PHE A 459 40.72 -7.39 -4.33
CA PHE A 459 40.98 -7.08 -5.73
C PHE A 459 39.79 -6.67 -6.57
N VAL A 460 38.59 -6.71 -6.00
CA VAL A 460 37.39 -6.31 -6.74
C VAL A 460 36.60 -5.29 -5.94
N LEU A 461 36.19 -5.68 -4.73
CA LEU A 461 35.39 -4.80 -3.90
C LEU A 461 36.05 -3.52 -3.42
N ILE A 462 37.15 -3.63 -2.67
CA ILE A 462 37.82 -2.45 -2.16
C ILE A 462 38.27 -1.45 -3.24
N PRO A 463 38.88 -1.93 -4.33
CA PRO A 463 39.32 -1.01 -5.39
C PRO A 463 38.16 -0.23 -5.99
N MET A 464 37.03 -0.90 -6.20
CA MET A 464 35.87 -0.27 -6.77
C MET A 464 35.31 0.80 -5.83
N PHE A 465 34.98 0.44 -4.60
CA PHE A 465 34.44 1.40 -3.65
C PHE A 465 35.45 2.50 -3.33
N GLU A 466 36.72 2.22 -3.57
CA GLU A 466 37.78 3.18 -3.34
C GLU A 466 37.65 4.32 -4.35
N THR A 467 37.45 3.98 -5.61
CA THR A 467 37.31 4.99 -6.64
C THR A 467 35.97 5.74 -6.48
N VAL A 468 34.94 5.04 -6.03
CA VAL A 468 33.63 5.67 -5.85
C VAL A 468 33.72 6.67 -4.70
N THR A 469 34.55 6.37 -3.72
CA THR A 469 34.73 7.23 -2.56
C THR A 469 35.29 8.59 -2.96
N LYS A 470 36.11 8.61 -4.01
CA LYS A 470 36.67 9.87 -4.48
C LYS A 470 35.59 10.84 -4.89
N LEU A 471 34.43 10.30 -5.28
CA LEU A 471 33.28 11.11 -5.68
C LEU A 471 32.39 11.35 -4.45
N PHE A 472 32.20 10.32 -3.65
CA PHE A 472 31.38 10.42 -2.45
C PHE A 472 32.18 9.97 -1.25
N PRO A 473 32.87 10.91 -0.58
CA PRO A 473 33.71 10.64 0.59
C PRO A 473 33.04 9.93 1.77
N MET A 474 31.76 10.15 1.99
CA MET A 474 31.09 9.51 3.12
C MET A 474 31.04 7.99 2.94
N VAL A 475 31.20 7.53 1.71
CA VAL A 475 31.18 6.11 1.39
C VAL A 475 32.30 5.32 2.05
N GLU A 476 33.43 5.99 2.32
CA GLU A 476 34.56 5.31 2.95
C GLU A 476 34.26 4.77 4.34
N GLU A 477 33.68 5.61 5.19
CA GLU A 477 33.36 5.21 6.54
C GLU A 477 32.17 4.25 6.66
N ILE A 478 31.21 4.35 5.75
CA ILE A 478 30.02 3.49 5.80
C ILE A 478 30.14 2.17 5.06
N MET A 479 31.06 2.10 4.09
CA MET A 479 31.18 0.89 3.31
C MET A 479 32.59 0.34 3.11
N LEU A 480 33.58 1.22 3.01
CA LEU A 480 34.94 0.74 2.84
C LEU A 480 35.43 0.15 4.16
N GLN A 481 34.97 0.73 5.27
CA GLN A 481 35.36 0.27 6.59
C GLN A 481 34.92 -1.18 6.84
N PRO A 482 33.63 -1.48 6.68
CA PRO A 482 33.22 -2.86 6.92
C PRO A 482 33.90 -3.86 5.97
N LEU A 483 34.35 -3.39 4.81
CA LEU A 483 35.04 -4.27 3.88
C LEU A 483 36.44 -4.58 4.40
N TRP A 484 37.05 -3.64 5.11
CA TRP A 484 38.38 -3.88 5.66
C TRP A 484 38.26 -4.88 6.79
N GLU A 485 37.21 -4.73 7.59
CA GLU A 485 36.99 -5.63 8.71
C GLU A 485 36.75 -7.03 8.18
N SER A 486 35.92 -7.13 7.14
CA SER A 486 35.60 -8.42 6.56
C SER A 486 36.88 -9.06 6.02
N ARG A 487 37.75 -8.25 5.42
CA ARG A 487 39.00 -8.76 4.88
C ARG A 487 39.87 -9.34 5.98
N ASP A 488 39.90 -8.65 7.11
CA ASP A 488 40.72 -9.10 8.23
C ASP A 488 40.15 -10.35 8.91
N ARG A 489 38.82 -10.43 9.04
CA ARG A 489 38.21 -11.59 9.67
C ARG A 489 38.46 -12.83 8.83
N TYR A 490 38.27 -12.72 7.52
CA TYR A 490 38.50 -13.85 6.64
C TYR A 490 39.96 -14.26 6.59
N GLU A 491 40.87 -13.34 6.82
CA GLU A 491 42.27 -13.71 6.81
C GLU A 491 42.60 -14.51 8.06
N GLU A 492 41.87 -14.25 9.15
CA GLU A 492 42.08 -15.00 10.38
C GLU A 492 41.46 -16.38 10.17
N LEU A 493 40.26 -16.41 9.59
CA LEU A 493 39.58 -17.67 9.32
C LEU A 493 40.43 -18.56 8.43
N LYS A 494 41.18 -17.93 7.52
CA LYS A 494 42.02 -18.70 6.62
C LYS A 494 43.15 -19.44 7.35
N ARG A 495 43.66 -18.85 8.43
CA ARG A 495 44.73 -19.51 9.20
C ARG A 495 44.17 -20.80 9.76
N ILE A 496 43.14 -20.64 10.60
CA ILE A 496 42.52 -21.77 11.25
C ILE A 496 42.05 -22.81 10.22
N ASP A 497 41.48 -22.34 9.12
CA ASP A 497 41.01 -23.21 8.05
C ASP A 497 42.13 -24.08 7.47
N ASP A 498 43.26 -23.45 7.15
CA ASP A 498 44.38 -24.19 6.58
C ASP A 498 44.93 -25.17 7.60
N ALA A 499 44.85 -24.82 8.88
CA ALA A 499 45.34 -25.69 9.94
C ALA A 499 44.49 -26.97 9.94
N MET A 500 43.18 -26.80 9.98
CA MET A 500 42.26 -27.93 9.97
C MET A 500 42.53 -28.83 8.77
N LYS A 501 42.78 -28.21 7.61
CA LYS A 501 43.05 -28.95 6.38
C LYS A 501 44.29 -29.82 6.49
N GLU A 502 45.30 -29.35 7.22
CA GLU A 502 46.52 -30.13 7.38
C GLU A 502 46.27 -31.43 8.14
N LEU A 503 45.38 -31.38 9.12
CA LEU A 503 45.03 -32.55 9.91
C LEU A 503 44.28 -33.60 9.10
N GLN A 504 43.64 -33.14 8.03
CA GLN A 504 42.86 -34.02 7.16
C GLN A 504 43.71 -34.57 6.01
N LYS A 505 44.95 -34.09 5.90
CA LYS A 505 45.84 -34.52 4.84
C LYS A 505 46.46 -35.87 5.18
N PRO B 181 0.61 -13.12 -13.07
CA PRO B 181 0.09 -14.48 -12.75
C PRO B 181 -1.36 -14.43 -12.27
N THR B 182 -1.57 -14.80 -11.01
CA THR B 182 -2.89 -14.78 -10.37
C THR B 182 -2.62 -14.01 -9.07
N TYR B 183 -3.10 -12.78 -8.99
CA TYR B 183 -2.83 -11.94 -7.82
C TYR B 183 -3.74 -12.13 -6.63
N PRO B 184 -3.18 -12.00 -5.41
CA PRO B 184 -3.97 -12.15 -4.19
C PRO B 184 -5.20 -11.23 -4.17
N LYS B 185 -6.10 -11.49 -3.22
CA LYS B 185 -7.33 -10.71 -3.09
C LYS B 185 -7.11 -9.26 -2.70
N TYR B 186 -6.12 -9.01 -1.83
CA TYR B 186 -5.85 -7.65 -1.38
C TYR B 186 -5.28 -6.72 -2.45
N LEU B 187 -5.03 -7.26 -3.64
CA LEU B 187 -4.55 -6.43 -4.73
C LEU B 187 -5.78 -6.27 -5.60
N LEU B 188 -6.43 -5.11 -5.50
CA LEU B 188 -7.63 -4.84 -6.27
C LEU B 188 -7.39 -4.93 -7.76
N SER B 189 -8.32 -5.56 -8.48
CA SER B 189 -8.22 -5.70 -9.92
C SER B 189 -8.76 -4.42 -10.53
N PRO B 190 -8.39 -4.11 -11.79
CA PRO B 190 -8.90 -2.87 -12.39
C PRO B 190 -10.43 -2.84 -12.50
N GLU B 191 -11.06 -4.00 -12.54
CA GLU B 191 -12.52 -4.08 -12.62
C GLU B 191 -13.12 -3.55 -11.32
N THR B 192 -12.57 -4.02 -10.20
CA THR B 192 -13.02 -3.63 -8.87
C THR B 192 -12.84 -2.12 -8.72
N ILE B 193 -11.65 -1.65 -9.04
CA ILE B 193 -11.32 -0.24 -8.96
C ILE B 193 -12.31 0.64 -9.73
N GLU B 194 -12.78 0.14 -10.86
CA GLU B 194 -13.73 0.91 -11.65
C GLU B 194 -15.12 0.90 -11.04
N ALA B 195 -15.53 -0.24 -10.47
CA ALA B 195 -16.86 -0.35 -9.87
C ALA B 195 -16.96 0.34 -8.49
N LEU B 196 -15.82 0.52 -7.84
CA LEU B 196 -15.76 1.14 -6.53
C LEU B 196 -16.30 2.59 -6.52
N ARG B 197 -16.38 3.20 -7.69
CA ARG B 197 -16.84 4.59 -7.80
C ARG B 197 -18.34 4.77 -7.97
N LYS B 198 -19.09 3.68 -7.98
CA LYS B 198 -20.52 3.77 -8.16
C LYS B 198 -21.25 3.15 -6.98
N PRO B 199 -22.44 3.69 -6.66
CA PRO B 199 -23.28 3.22 -5.56
C PRO B 199 -23.80 1.80 -5.75
N THR B 200 -23.55 1.23 -6.93
CA THR B 200 -23.99 -0.13 -7.22
C THR B 200 -23.00 -1.16 -6.69
N PHE B 201 -21.81 -0.71 -6.31
CA PHE B 201 -20.78 -1.60 -5.79
C PHE B 201 -21.39 -2.57 -4.76
N ASP B 202 -21.10 -3.85 -4.91
CA ASP B 202 -21.63 -4.86 -4.00
C ASP B 202 -20.73 -5.01 -2.79
N VAL B 203 -21.14 -4.36 -1.70
CA VAL B 203 -20.39 -4.36 -0.46
C VAL B 203 -20.30 -5.70 0.26
N TRP B 204 -21.13 -6.67 -0.12
CA TRP B 204 -21.11 -7.97 0.55
C TRP B 204 -20.07 -8.97 0.04
N LEU B 205 -19.51 -8.73 -1.14
CA LEU B 205 -18.54 -9.66 -1.72
C LEU B 205 -17.13 -9.67 -1.15
N TRP B 206 -16.77 -8.67 -0.36
CA TRP B 206 -15.41 -8.62 0.13
C TRP B 206 -15.19 -8.82 1.63
N GLU B 207 -14.00 -9.32 1.96
CA GLU B 207 -13.63 -9.55 3.36
C GLU B 207 -12.89 -8.32 3.84
N PRO B 208 -12.92 -8.07 5.16
CA PRO B 208 -12.24 -6.89 5.73
C PRO B 208 -10.91 -6.55 5.08
N ASN B 209 -10.11 -7.58 4.85
CA ASN B 209 -8.81 -7.40 4.23
C ASN B 209 -8.96 -6.67 2.90
N GLU B 210 -9.91 -7.11 2.08
CA GLU B 210 -10.14 -6.49 0.79
C GLU B 210 -10.73 -5.07 0.89
N MET B 211 -11.69 -4.88 1.78
CA MET B 211 -12.33 -3.58 1.97
C MET B 211 -11.30 -2.54 2.43
N LEU B 212 -10.33 -2.98 3.24
CA LEU B 212 -9.30 -2.07 3.69
C LEU B 212 -8.47 -1.56 2.50
N SER B 213 -8.22 -2.43 1.52
CA SER B 213 -7.46 -2.05 0.33
C SER B 213 -8.25 -1.01 -0.45
N CYS B 214 -9.56 -1.20 -0.52
CA CYS B 214 -10.42 -0.27 -1.23
C CYS B 214 -10.35 1.12 -0.59
N LEU B 215 -10.47 1.17 0.74
CA LEU B 215 -10.40 2.45 1.43
C LEU B 215 -9.06 3.10 1.13
N GLU B 216 -8.00 2.31 1.22
CA GLU B 216 -6.65 2.80 0.94
C GLU B 216 -6.60 3.40 -0.48
N HIS B 217 -7.15 2.68 -1.45
CA HIS B 217 -7.17 3.17 -2.82
C HIS B 217 -7.84 4.53 -2.91
N MET B 218 -8.98 4.67 -2.22
CA MET B 218 -9.74 5.91 -2.21
C MET B 218 -8.88 7.11 -1.84
N TYR B 219 -8.02 6.98 -0.83
CA TYR B 219 -7.18 8.10 -0.42
C TYR B 219 -6.13 8.49 -1.45
N HIS B 220 -5.58 7.50 -2.15
CA HIS B 220 -4.58 7.75 -3.19
C HIS B 220 -5.27 8.36 -4.41
N ASP B 221 -6.38 7.74 -4.79
CA ASP B 221 -7.17 8.16 -5.95
C ASP B 221 -7.79 9.57 -5.89
N LEU B 222 -8.15 10.01 -4.68
CA LEU B 222 -8.73 11.34 -4.52
C LEU B 222 -7.62 12.38 -4.38
N GLY B 223 -6.38 11.90 -4.37
CA GLY B 223 -5.24 12.79 -4.24
C GLY B 223 -5.00 13.30 -2.82
N LEU B 224 -5.57 12.62 -1.83
CA LEU B 224 -5.42 13.03 -0.43
C LEU B 224 -4.04 12.64 0.10
N VAL B 225 -3.55 11.47 -0.32
CA VAL B 225 -2.23 11.01 0.12
C VAL B 225 -1.23 12.05 -0.38
N ARG B 226 -1.40 12.44 -1.63
CA ARG B 226 -0.55 13.41 -2.28
C ARG B 226 -0.62 14.82 -1.70
N ASP B 227 -1.82 15.41 -1.70
CA ASP B 227 -1.98 16.78 -1.21
C ASP B 227 -1.78 17.03 0.29
N PHE B 228 -1.77 15.98 1.09
CA PHE B 228 -1.57 16.17 2.52
C PHE B 228 -0.35 15.42 3.02
N SER B 229 0.47 14.98 2.07
CA SER B 229 1.70 14.26 2.37
C SER B 229 1.51 13.13 3.36
N ILE B 230 0.44 12.37 3.18
CA ILE B 230 0.16 11.26 4.06
C ILE B 230 1.14 10.15 3.76
N ASN B 231 1.87 9.69 4.78
CA ASN B 231 2.81 8.59 4.58
C ASN B 231 1.95 7.37 4.25
N PRO B 232 2.09 6.84 3.03
CA PRO B 232 1.29 5.67 2.66
C PRO B 232 1.29 4.49 3.63
N VAL B 233 2.39 4.28 4.34
CA VAL B 233 2.44 3.18 5.31
C VAL B 233 1.56 3.52 6.51
N THR B 234 1.60 4.78 6.92
CA THR B 234 0.79 5.23 8.05
C THR B 234 -0.67 5.06 7.71
N LEU B 235 -1.03 5.40 6.47
CA LEU B 235 -2.42 5.28 6.01
C LEU B 235 -2.92 3.86 6.23
N ARG B 236 -2.07 2.87 5.95
CA ARG B 236 -2.44 1.47 6.16
C ARG B 236 -2.57 1.11 7.62
N ARG B 237 -1.66 1.58 8.45
CA ARG B 237 -1.75 1.27 9.86
C ARG B 237 -3.02 1.88 10.45
N TRP B 238 -3.28 3.13 10.06
CA TRP B 238 -4.46 3.86 10.52
C TRP B 238 -5.73 3.13 10.13
N LEU B 239 -5.83 2.71 8.87
CA LEU B 239 -7.03 1.99 8.44
C LEU B 239 -7.18 0.67 9.20
N PHE B 240 -6.06 0.06 9.57
CA PHE B 240 -6.11 -1.19 10.31
C PHE B 240 -6.56 -0.97 11.76
N CYS B 241 -6.10 0.12 12.36
CA CYS B 241 -6.46 0.42 13.73
C CYS B 241 -7.94 0.80 13.79
N VAL B 242 -8.42 1.47 12.74
CA VAL B 242 -9.82 1.86 12.67
C VAL B 242 -10.68 0.59 12.61
N HIS B 243 -10.26 -0.35 11.76
CA HIS B 243 -10.97 -1.61 11.63
C HIS B 243 -11.06 -2.37 12.95
N ASP B 244 -9.94 -2.44 13.66
CA ASP B 244 -9.90 -3.13 14.95
C ASP B 244 -10.82 -2.45 15.96
N ASN B 245 -11.10 -1.16 15.75
CA ASN B 245 -11.94 -0.42 16.67
C ASN B 245 -13.43 -0.39 16.41
N TYR B 246 -13.86 -1.13 15.39
CA TYR B 246 -15.27 -1.26 15.13
C TYR B 246 -15.64 -2.58 15.79
N ARG B 247 -16.78 -2.62 16.46
CA ARG B 247 -17.19 -3.82 17.14
C ARG B 247 -17.98 -4.74 16.24
N ASN B 248 -18.09 -5.99 16.67
CA ASN B 248 -18.79 -7.01 15.93
C ASN B 248 -20.30 -6.96 16.20
N ASN B 249 -20.96 -5.91 15.71
CA ASN B 249 -22.41 -5.76 15.88
C ASN B 249 -23.10 -6.21 14.60
N PRO B 250 -24.39 -6.56 14.68
CA PRO B 250 -25.07 -6.99 13.45
C PRO B 250 -25.15 -5.89 12.38
N PHE B 251 -25.32 -4.65 12.82
CA PHE B 251 -25.41 -3.54 11.87
C PHE B 251 -24.23 -2.56 11.94
N HIS B 252 -24.07 -1.90 13.08
CA HIS B 252 -22.99 -0.93 13.25
C HIS B 252 -21.62 -1.60 13.36
N ASN B 253 -21.13 -2.09 12.23
CA ASN B 253 -19.84 -2.78 12.18
C ASN B 253 -18.94 -2.20 11.09
N PHE B 254 -17.77 -2.80 10.93
CA PHE B 254 -16.81 -2.34 9.95
C PHE B 254 -17.37 -2.29 8.53
N ARG B 255 -18.21 -3.24 8.17
CA ARG B 255 -18.78 -3.23 6.83
C ARG B 255 -19.70 -2.01 6.60
N HIS B 256 -20.47 -1.60 7.61
CA HIS B 256 -21.35 -0.42 7.47
C HIS B 256 -20.45 0.77 7.25
N CYS B 257 -19.35 0.79 8.00
CA CYS B 257 -18.35 1.84 7.92
C CYS B 257 -17.91 1.94 6.46
N PHE B 258 -17.49 0.82 5.89
CA PHE B 258 -17.05 0.75 4.51
C PHE B 258 -18.15 1.24 3.56
N CYS B 259 -19.40 0.87 3.84
CA CYS B 259 -20.52 1.30 3.03
C CYS B 259 -20.63 2.81 2.99
N VAL B 260 -20.51 3.43 4.15
CA VAL B 260 -20.61 4.87 4.24
C VAL B 260 -19.47 5.56 3.49
N ALA B 261 -18.26 5.07 3.69
CA ALA B 261 -17.10 5.64 3.02
C ALA B 261 -17.18 5.42 1.52
N GLN B 262 -17.68 4.25 1.13
CA GLN B 262 -17.78 3.93 -0.29
C GLN B 262 -18.90 4.73 -0.97
N MET B 263 -19.92 5.10 -0.21
CA MET B 263 -21.02 5.89 -0.77
C MET B 263 -20.59 7.35 -0.89
N MET B 264 -19.69 7.76 0.01
CA MET B 264 -19.19 9.13 0.01
C MET B 264 -18.26 9.25 -1.20
N TYR B 265 -17.44 8.22 -1.39
CA TYR B 265 -16.50 8.18 -2.49
C TYR B 265 -17.30 8.20 -3.80
N SER B 266 -18.42 7.48 -3.85
CA SER B 266 -19.27 7.45 -5.04
C SER B 266 -19.84 8.84 -5.33
N MET B 267 -20.26 9.54 -4.28
CA MET B 267 -20.84 10.86 -4.45
C MET B 267 -19.84 11.92 -4.85
N VAL B 268 -18.57 11.74 -4.47
CA VAL B 268 -17.55 12.70 -4.86
C VAL B 268 -17.48 12.71 -6.40
N TRP B 269 -17.55 11.53 -7.00
CA TRP B 269 -17.51 11.39 -8.45
C TRP B 269 -18.84 11.77 -9.12
N LEU B 270 -19.94 11.22 -8.62
CA LEU B 270 -21.26 11.50 -9.18
C LEU B 270 -21.59 13.00 -9.21
N CYS B 271 -21.30 13.70 -8.12
CA CYS B 271 -21.60 15.12 -8.05
C CYS B 271 -20.41 16.02 -8.37
N SER B 272 -19.27 15.42 -8.70
CA SER B 272 -18.06 16.20 -9.03
C SER B 272 -17.70 17.12 -7.87
N LEU B 273 -17.84 16.60 -6.65
CA LEU B 273 -17.57 17.37 -5.47
C LEU B 273 -16.22 18.07 -5.47
N GLN B 274 -15.24 17.53 -6.18
CA GLN B 274 -13.92 18.16 -6.21
C GLN B 274 -13.94 19.50 -6.96
N GLU B 275 -15.06 19.83 -7.58
CA GLU B 275 -15.22 21.08 -8.29
C GLU B 275 -15.81 22.15 -7.36
N LYS B 276 -16.43 21.70 -6.27
CA LYS B 276 -17.05 22.62 -5.32
C LYS B 276 -16.31 22.71 -3.99
N PHE B 277 -15.65 21.63 -3.62
CA PHE B 277 -14.94 21.56 -2.35
C PHE B 277 -13.42 21.51 -2.49
N SER B 278 -12.74 22.07 -1.51
CA SER B 278 -11.28 22.07 -1.48
C SER B 278 -10.86 20.66 -1.10
N GLN B 279 -9.58 20.34 -1.23
CA GLN B 279 -9.11 19.01 -0.88
C GLN B 279 -9.25 18.79 0.63
N THR B 280 -9.13 19.88 1.39
CA THR B 280 -9.28 19.80 2.83
C THR B 280 -10.68 19.30 3.19
N ASP B 281 -11.69 19.78 2.47
CA ASP B 281 -13.06 19.35 2.74
C ASP B 281 -13.28 17.89 2.34
N ILE B 282 -12.72 17.48 1.21
CA ILE B 282 -12.86 16.10 0.75
C ILE B 282 -12.26 15.18 1.83
N LEU B 283 -11.12 15.58 2.37
CA LEU B 283 -10.44 14.81 3.41
C LEU B 283 -11.34 14.71 4.64
N ILE B 284 -12.01 15.83 4.97
CA ILE B 284 -12.90 15.88 6.11
C ILE B 284 -14.09 14.93 5.88
N LEU B 285 -14.65 14.95 4.68
CA LEU B 285 -15.79 14.10 4.36
C LEU B 285 -15.41 12.62 4.44
N MET B 286 -14.32 12.25 3.77
CA MET B 286 -13.90 10.85 3.78
C MET B 286 -13.50 10.32 5.16
N THR B 287 -12.73 11.10 5.89
CA THR B 287 -12.28 10.65 7.20
C THR B 287 -13.45 10.59 8.19
N ALA B 288 -14.35 11.58 8.13
CA ALA B 288 -15.51 11.56 9.02
C ALA B 288 -16.35 10.32 8.71
N ALA B 289 -16.51 10.04 7.42
CA ALA B 289 -17.30 8.88 6.99
C ALA B 289 -16.72 7.56 7.52
N ILE B 290 -15.40 7.43 7.50
CA ILE B 290 -14.76 6.21 7.98
C ILE B 290 -14.84 6.04 9.50
N CYS B 291 -14.84 7.16 10.22
CA CYS B 291 -14.85 7.14 11.67
C CYS B 291 -16.19 7.41 12.37
N HIS B 292 -17.24 7.72 11.62
CA HIS B 292 -18.50 8.09 12.26
C HIS B 292 -19.14 7.12 13.27
N ASP B 293 -18.89 5.82 13.17
CA ASP B 293 -19.49 4.87 14.12
C ASP B 293 -18.49 4.05 14.93
N LEU B 294 -17.28 4.58 15.09
CA LEU B 294 -16.24 3.89 15.83
C LEU B 294 -16.67 3.44 17.22
N ASP B 295 -16.39 2.17 17.52
CA ASP B 295 -16.69 1.57 18.82
C ASP B 295 -18.16 1.66 19.25
N HIS B 296 -19.06 1.59 18.29
CA HIS B 296 -20.49 1.62 18.58
C HIS B 296 -20.79 0.41 19.48
N PRO B 297 -21.46 0.62 20.62
CA PRO B 297 -21.77 -0.50 21.52
C PRO B 297 -22.91 -1.42 21.06
N GLY B 298 -23.74 -0.96 20.12
CA GLY B 298 -24.83 -1.78 19.65
C GLY B 298 -26.17 -1.44 20.29
N TYR B 299 -26.18 -0.37 21.09
CA TYR B 299 -27.39 0.11 21.76
C TYR B 299 -27.36 1.64 21.59
N ASN B 300 -28.44 2.19 21.05
CA ASN B 300 -28.49 3.61 20.75
C ASN B 300 -28.46 4.58 21.95
N ASN B 301 -28.44 5.87 21.65
CA ASN B 301 -28.36 6.90 22.68
C ASN B 301 -29.45 6.83 23.74
N THR B 302 -30.67 6.52 23.32
CA THR B 302 -31.77 6.43 24.25
C THR B 302 -31.46 5.37 25.30
N TYR B 303 -30.87 4.26 24.87
CA TYR B 303 -30.54 3.21 25.83
C TYR B 303 -29.45 3.68 26.79
N GLN B 304 -28.42 4.35 26.26
CA GLN B 304 -27.34 4.85 27.09
C GLN B 304 -27.89 5.80 28.15
N ILE B 305 -28.76 6.71 27.73
CA ILE B 305 -29.33 7.68 28.64
C ILE B 305 -30.29 7.07 29.65
N ASN B 306 -31.22 6.24 29.20
CA ASN B 306 -32.17 5.61 30.10
C ASN B 306 -31.50 4.66 31.10
N ALA B 307 -30.44 3.96 30.66
CA ALA B 307 -29.73 3.03 31.54
C ALA B 307 -28.63 3.74 32.32
N ARG B 308 -28.50 5.05 32.12
CA ARG B 308 -27.47 5.83 32.79
C ARG B 308 -26.13 5.11 32.73
N THR B 309 -25.65 4.88 31.51
CA THR B 309 -24.39 4.20 31.31
C THR B 309 -23.21 5.15 31.54
N GLU B 310 -22.01 4.59 31.54
CA GLU B 310 -20.82 5.41 31.73
C GLU B 310 -20.78 6.47 30.64
N LEU B 311 -21.09 6.06 29.40
CA LEU B 311 -21.10 6.99 28.26
C LEU B 311 -22.06 8.14 28.49
N ALA B 312 -23.29 7.82 28.89
CA ALA B 312 -24.30 8.85 29.14
C ALA B 312 -23.85 9.79 30.26
N VAL B 313 -23.21 9.23 31.28
CA VAL B 313 -22.74 10.05 32.39
C VAL B 313 -21.55 10.90 31.95
N ARG B 314 -20.68 10.31 31.16
CA ARG B 314 -19.49 10.99 30.66
C ARG B 314 -19.86 12.17 29.76
N TYR B 315 -20.88 11.97 28.93
CA TYR B 315 -21.28 13.03 28.01
C TYR B 315 -22.48 13.86 28.42
N ASN B 316 -22.97 13.66 29.65
CA ASN B 316 -24.09 14.45 30.14
C ASN B 316 -25.33 14.36 29.24
N ASP B 317 -25.63 13.14 28.81
CA ASP B 317 -26.79 12.87 27.95
C ASP B 317 -26.79 13.58 26.60
N ILE B 318 -25.70 14.28 26.28
CA ILE B 318 -25.62 14.97 25.00
C ILE B 318 -24.94 14.10 23.95
N SER B 319 -25.74 13.57 23.01
CA SER B 319 -25.26 12.69 21.93
C SER B 319 -24.06 11.87 22.38
N PRO B 320 -24.24 11.06 23.44
CA PRO B 320 -23.13 10.25 23.94
C PRO B 320 -22.43 9.35 22.91
N LEU B 321 -23.19 8.67 22.06
CA LEU B 321 -22.58 7.78 21.07
C LEU B 321 -21.71 8.56 20.07
N GLU B 322 -22.28 9.57 19.42
CA GLU B 322 -21.54 10.35 18.46
C GLU B 322 -20.29 11.01 19.08
N ASN B 323 -20.40 11.52 20.30
CA ASN B 323 -19.25 12.13 20.94
C ASN B 323 -18.16 11.08 21.15
N HIS B 324 -18.57 9.86 21.45
CA HIS B 324 -17.63 8.78 21.69
C HIS B 324 -16.96 8.31 20.40
N HIS B 325 -17.71 8.27 19.30
CA HIS B 325 -17.12 7.85 18.04
C HIS B 325 -16.00 8.81 17.69
N CYS B 326 -16.33 10.09 17.78
CA CYS B 326 -15.40 11.14 17.45
C CYS B 326 -14.18 11.13 18.38
N ALA B 327 -14.39 10.91 19.68
CA ALA B 327 -13.26 10.88 20.61
C ALA B 327 -12.34 9.70 20.28
N VAL B 328 -12.91 8.55 19.96
CA VAL B 328 -12.11 7.39 19.64
C VAL B 328 -11.34 7.62 18.34
N ALA B 329 -11.95 8.35 17.39
CA ALA B 329 -11.28 8.64 16.12
C ALA B 329 -10.01 9.44 16.37
N PHE B 330 -10.09 10.44 17.25
CA PHE B 330 -8.91 11.23 17.52
C PHE B 330 -7.95 10.58 18.49
N GLN B 331 -8.42 9.56 19.20
CA GLN B 331 -7.56 8.82 20.10
C GLN B 331 -6.63 8.04 19.18
N ILE B 332 -7.23 7.38 18.20
CA ILE B 332 -6.49 6.60 17.22
C ILE B 332 -5.49 7.49 16.51
N LEU B 333 -5.95 8.64 16.03
CA LEU B 333 -5.07 9.58 15.32
C LEU B 333 -3.97 10.18 16.18
N ALA B 334 -4.11 10.06 17.50
CA ALA B 334 -3.10 10.61 18.40
C ALA B 334 -1.93 9.63 18.51
N GLU B 335 -2.16 8.39 18.09
CA GLU B 335 -1.10 7.39 18.12
C GLU B 335 -0.23 7.67 16.90
N PRO B 336 1.00 8.14 17.12
CA PRO B 336 1.95 8.47 16.04
C PRO B 336 1.95 7.52 14.83
N GLU B 337 1.91 6.23 15.11
CA GLU B 337 1.90 5.18 14.08
C GLU B 337 0.67 5.23 13.17
N CYS B 338 -0.41 5.85 13.65
CA CYS B 338 -1.64 5.94 12.88
C CYS B 338 -1.97 7.36 12.47
N ASN B 339 -1.12 8.30 12.84
CA ASN B 339 -1.38 9.70 12.54
C ASN B 339 -1.23 10.08 11.07
N ILE B 340 -2.27 9.81 10.29
CA ILE B 340 -2.24 10.14 8.87
C ILE B 340 -2.19 11.65 8.66
N PHE B 341 -2.30 12.42 9.75
CA PHE B 341 -2.26 13.86 9.64
C PHE B 341 -0.93 14.42 10.10
N SER B 342 0.02 13.54 10.38
CA SER B 342 1.34 13.93 10.87
C SER B 342 2.10 15.01 10.08
N ASN B 343 1.87 15.11 8.77
CA ASN B 343 2.57 16.11 7.99
C ASN B 343 1.74 17.32 7.58
N ILE B 344 0.75 17.65 8.40
CA ILE B 344 -0.09 18.81 8.10
C ILE B 344 0.22 19.88 9.14
N PRO B 345 0.43 21.13 8.69
CA PRO B 345 0.71 22.18 9.69
C PRO B 345 -0.44 22.24 10.70
N PRO B 346 -0.17 22.68 11.93
CA PRO B 346 -1.21 22.76 12.95
C PRO B 346 -2.47 23.56 12.59
N ASP B 347 -2.33 24.62 11.80
CA ASP B 347 -3.52 25.39 11.41
C ASP B 347 -4.42 24.51 10.56
N GLY B 348 -3.81 23.58 9.83
CA GLY B 348 -4.56 22.66 8.99
C GLY B 348 -5.22 21.59 9.84
N PHE B 349 -4.51 21.12 10.85
CA PHE B 349 -5.05 20.10 11.75
C PHE B 349 -6.33 20.62 12.39
N LYS B 350 -6.24 21.79 13.01
CA LYS B 350 -7.38 22.40 13.67
C LYS B 350 -8.58 22.53 12.74
N GLN B 351 -8.35 22.93 11.51
CA GLN B 351 -9.44 23.08 10.56
C GLN B 351 -10.06 21.70 10.22
N ILE B 352 -9.21 20.69 10.06
CA ILE B 352 -9.69 19.36 9.74
C ILE B 352 -10.41 18.74 10.94
N ARG B 353 -9.82 18.86 12.12
CA ARG B 353 -10.41 18.31 13.33
C ARG B 353 -11.81 18.87 13.59
N GLN B 354 -11.94 20.19 13.50
CA GLN B 354 -13.22 20.82 13.74
C GLN B 354 -14.29 20.36 12.76
N GLY B 355 -13.90 20.13 11.50
CA GLY B 355 -14.85 19.70 10.49
C GLY B 355 -15.32 18.28 10.74
N MET B 356 -14.39 17.40 11.11
CA MET B 356 -14.73 16.01 11.38
C MET B 356 -15.68 15.95 12.57
N ILE B 357 -15.36 16.71 13.62
CA ILE B 357 -16.20 16.75 14.80
C ILE B 357 -17.60 17.17 14.41
N THR B 358 -17.71 18.28 13.68
CA THR B 358 -19.02 18.76 13.23
C THR B 358 -19.78 17.66 12.46
N LEU B 359 -19.11 17.04 11.49
CA LEU B 359 -19.75 16.00 10.70
C LEU B 359 -20.16 14.75 11.47
N ILE B 360 -19.27 14.23 12.31
CA ILE B 360 -19.61 13.04 13.07
C ILE B 360 -20.73 13.30 14.08
N LEU B 361 -20.76 14.50 14.68
CA LEU B 361 -21.81 14.79 15.65
C LEU B 361 -23.14 15.02 14.94
N ALA B 362 -23.08 15.34 13.65
CA ALA B 362 -24.27 15.58 12.86
C ALA B 362 -25.01 14.30 12.47
N THR B 363 -24.37 13.15 12.67
CA THR B 363 -25.01 11.89 12.34
C THR B 363 -26.00 11.38 13.39
N ASP B 364 -26.18 12.09 14.49
CA ASP B 364 -27.13 11.66 15.52
C ASP B 364 -28.55 11.94 14.97
N MET B 365 -29.32 10.88 14.68
CA MET B 365 -30.67 11.09 14.13
C MET B 365 -31.56 12.04 14.92
N ALA B 366 -31.34 12.13 16.23
CA ALA B 366 -32.14 13.03 17.05
C ALA B 366 -32.12 14.45 16.48
N ARG B 367 -31.04 14.78 15.78
CA ARG B 367 -30.87 16.12 15.20
C ARG B 367 -31.28 16.23 13.73
N HIS B 368 -31.83 15.16 13.17
CA HIS B 368 -32.21 15.18 11.76
C HIS B 368 -33.07 16.36 11.35
N ALA B 369 -34.24 16.51 11.97
CA ALA B 369 -35.16 17.60 11.62
C ALA B 369 -34.46 18.94 11.70
N GLU B 370 -33.75 19.19 12.80
CA GLU B 370 -33.02 20.45 13.00
C GLU B 370 -32.06 20.73 11.84
N ILE B 371 -31.19 19.76 11.55
CA ILE B 371 -30.21 19.92 10.48
C ILE B 371 -30.89 20.13 9.13
N MET B 372 -31.90 19.32 8.84
CA MET B 372 -32.64 19.46 7.58
C MET B 372 -33.21 20.86 7.41
N ASP B 373 -33.82 21.40 8.48
CA ASP B 373 -34.40 22.74 8.40
C ASP B 373 -33.35 23.80 8.09
N SER B 374 -32.24 23.78 8.81
CA SER B 374 -31.16 24.73 8.58
C SER B 374 -30.69 24.66 7.15
N PHE B 375 -30.53 23.44 6.64
CA PHE B 375 -30.07 23.25 5.28
C PHE B 375 -31.07 23.83 4.29
N LYS B 376 -32.35 23.54 4.49
CA LYS B 376 -33.40 24.04 3.61
C LYS B 376 -33.49 25.56 3.66
N GLU B 377 -33.28 26.12 4.85
CA GLU B 377 -33.31 27.55 5.03
C GLU B 377 -32.23 28.18 4.16
N LYS B 378 -31.03 27.60 4.20
CA LYS B 378 -29.92 28.10 3.40
C LYS B 378 -30.15 27.78 1.93
N MET B 379 -30.82 26.67 1.68
CA MET B 379 -31.09 26.23 0.31
C MET B 379 -31.93 27.24 -0.46
N GLU B 380 -32.60 28.14 0.25
CA GLU B 380 -33.43 29.17 -0.39
C GLU B 380 -32.58 30.05 -1.31
N ASN B 381 -31.27 30.02 -1.11
CA ASN B 381 -30.35 30.81 -1.91
C ASN B 381 -28.94 30.36 -1.58
N PHE B 382 -28.67 29.10 -1.86
CA PHE B 382 -27.37 28.51 -1.57
C PHE B 382 -26.23 29.33 -2.13
N ASP B 383 -25.14 29.39 -1.39
CA ASP B 383 -23.97 30.15 -1.79
C ASP B 383 -22.74 29.32 -1.48
N TYR B 384 -22.13 28.72 -2.50
CA TYR B 384 -20.94 27.90 -2.31
C TYR B 384 -19.77 28.70 -1.73
N SER B 385 -19.95 30.01 -1.59
CA SER B 385 -18.91 30.88 -1.04
C SER B 385 -19.09 31.05 0.46
N ASN B 386 -20.33 30.93 0.91
CA ASN B 386 -20.68 31.08 2.32
C ASN B 386 -20.23 29.82 3.07
N GLU B 387 -19.31 29.97 4.00
CA GLU B 387 -18.81 28.82 4.75
C GLU B 387 -19.89 28.13 5.59
N GLU B 388 -20.88 28.88 6.04
CA GLU B 388 -21.96 28.28 6.84
C GLU B 388 -22.81 27.42 5.92
N HIS B 389 -22.91 27.84 4.67
CA HIS B 389 -23.69 27.08 3.69
C HIS B 389 -22.97 25.77 3.42
N MET B 390 -21.66 25.83 3.20
CA MET B 390 -20.87 24.65 2.92
C MET B 390 -20.82 23.68 4.09
N THR B 391 -20.81 24.20 5.32
CA THR B 391 -20.78 23.34 6.50
C THR B 391 -22.06 22.51 6.56
N LEU B 392 -23.20 23.16 6.28
CA LEU B 392 -24.47 22.45 6.29
C LEU B 392 -24.49 21.40 5.20
N LEU B 393 -24.02 21.75 4.01
CA LEU B 393 -24.00 20.79 2.91
C LEU B 393 -23.15 19.58 3.29
N LYS B 394 -21.98 19.81 3.89
CA LYS B 394 -21.16 18.67 4.27
C LYS B 394 -21.91 17.84 5.30
N MET B 395 -22.64 18.49 6.20
CA MET B 395 -23.41 17.77 7.19
C MET B 395 -24.51 16.91 6.52
N ILE B 396 -25.18 17.49 5.52
CA ILE B 396 -26.20 16.75 4.79
C ILE B 396 -25.56 15.58 4.03
N LEU B 397 -24.42 15.85 3.41
CA LEU B 397 -23.71 14.81 2.65
C LEU B 397 -23.37 13.60 3.52
N ILE B 398 -22.78 13.82 4.70
CA ILE B 398 -22.43 12.67 5.50
C ILE B 398 -23.67 12.01 6.06
N LYS B 399 -24.74 12.79 6.26
CA LYS B 399 -25.98 12.24 6.76
C LYS B 399 -26.56 11.31 5.68
N CYS B 400 -26.55 11.77 4.42
CA CYS B 400 -27.01 10.93 3.31
C CYS B 400 -26.26 9.61 3.27
N CYS B 401 -24.93 9.68 3.23
CA CYS B 401 -24.11 8.47 3.17
C CYS B 401 -24.34 7.51 4.32
N ASP B 402 -24.48 8.07 5.52
CA ASP B 402 -24.71 7.25 6.71
C ASP B 402 -25.92 6.34 6.56
N ILE B 403 -27.01 6.88 6.02
CA ILE B 403 -28.23 6.10 5.86
C ILE B 403 -28.53 5.81 4.38
N SER B 404 -27.48 5.61 3.59
CA SER B 404 -27.65 5.38 2.16
C SER B 404 -27.90 3.93 1.72
N ASN B 405 -28.05 3.00 2.66
CA ASN B 405 -28.27 1.61 2.27
C ASN B 405 -29.40 1.44 1.25
N GLU B 406 -30.57 2.01 1.53
CA GLU B 406 -31.68 1.86 0.60
C GLU B 406 -31.44 2.44 -0.79
N VAL B 407 -30.31 3.11 -0.98
CA VAL B 407 -29.97 3.70 -2.28
C VAL B 407 -29.33 2.63 -3.13
N ARG B 408 -28.71 1.67 -2.45
CA ARG B 408 -28.02 0.57 -3.12
C ARG B 408 -29.02 -0.39 -3.78
N PRO B 409 -28.53 -1.19 -4.74
CA PRO B 409 -29.36 -2.18 -5.45
C PRO B 409 -30.11 -3.09 -4.48
N MET B 410 -31.37 -3.38 -4.81
CA MET B 410 -32.24 -4.21 -3.98
C MET B 410 -31.56 -5.39 -3.30
N GLU B 411 -30.78 -6.17 -4.04
CA GLU B 411 -30.13 -7.32 -3.42
C GLU B 411 -28.98 -6.97 -2.48
N VAL B 412 -28.38 -5.80 -2.65
CA VAL B 412 -27.29 -5.37 -1.79
C VAL B 412 -27.87 -4.67 -0.56
N ALA B 413 -29.01 -4.01 -0.74
CA ALA B 413 -29.66 -3.27 0.32
C ALA B 413 -30.51 -4.11 1.27
N GLU B 414 -31.22 -5.10 0.72
CA GLU B 414 -32.10 -5.95 1.52
C GLU B 414 -31.52 -6.57 2.79
N PRO B 415 -30.35 -7.24 2.69
CA PRO B 415 -29.81 -7.83 3.91
C PRO B 415 -29.44 -6.86 5.04
N TRP B 416 -29.21 -5.59 4.72
CA TRP B 416 -28.88 -4.61 5.75
C TRP B 416 -30.03 -4.34 6.70
N VAL B 417 -31.26 -4.40 6.19
CA VAL B 417 -32.42 -4.17 7.03
C VAL B 417 -32.50 -5.24 8.11
N ASP B 418 -32.18 -6.48 7.77
CA ASP B 418 -32.22 -7.58 8.74
C ASP B 418 -31.18 -7.34 9.83
N CYS B 419 -30.02 -6.81 9.44
CA CYS B 419 -28.96 -6.55 10.40
C CYS B 419 -29.40 -5.44 11.35
N LEU B 420 -30.06 -4.43 10.81
CA LEU B 420 -30.54 -3.32 11.61
C LEU B 420 -31.56 -3.79 12.64
N LEU B 421 -32.61 -4.46 12.18
CA LEU B 421 -33.64 -4.94 13.09
C LEU B 421 -33.04 -5.88 14.13
N GLU B 422 -32.06 -6.66 13.72
CA GLU B 422 -31.43 -7.59 14.65
C GLU B 422 -30.80 -6.83 15.82
N GLU B 423 -30.25 -5.65 15.54
CA GLU B 423 -29.64 -4.85 16.59
C GLU B 423 -30.75 -4.19 17.41
N TYR B 424 -31.73 -3.61 16.74
CA TYR B 424 -32.84 -2.98 17.42
C TYR B 424 -33.56 -3.95 18.36
N PHE B 425 -33.79 -5.17 17.88
CA PHE B 425 -34.48 -6.18 18.69
C PHE B 425 -33.64 -6.60 19.88
N MET B 426 -32.34 -6.66 19.69
CA MET B 426 -31.44 -7.02 20.78
C MET B 426 -31.60 -5.98 21.90
N GLN B 427 -31.74 -4.71 21.52
CA GLN B 427 -31.89 -3.63 22.48
C GLN B 427 -33.24 -3.62 23.17
N SER B 428 -34.32 -3.76 22.41
CA SER B 428 -35.64 -3.76 23.01
C SER B 428 -35.82 -4.96 23.95
N ASP B 429 -35.29 -6.12 23.57
CA ASP B 429 -35.38 -7.28 24.45
C ASP B 429 -34.66 -6.93 25.74
N ARG B 430 -33.45 -6.41 25.63
CA ARG B 430 -32.69 -6.04 26.81
C ARG B 430 -33.42 -5.00 27.62
N GLU B 431 -33.95 -3.98 26.95
CA GLU B 431 -34.68 -2.93 27.65
C GLU B 431 -35.87 -3.56 28.37
N LYS B 432 -36.53 -4.50 27.70
CA LYS B 432 -37.68 -5.20 28.28
C LYS B 432 -37.26 -5.93 29.54
N SER B 433 -36.13 -6.62 29.45
CA SER B 433 -35.62 -7.38 30.58
C SER B 433 -35.13 -6.56 31.77
N GLU B 434 -34.56 -5.39 31.53
CA GLU B 434 -34.06 -4.55 32.63
C GLU B 434 -35.15 -3.58 33.08
N GLY B 435 -36.34 -3.71 32.50
CA GLY B 435 -37.42 -2.82 32.87
C GLY B 435 -37.23 -1.38 32.44
N LEU B 436 -36.59 -1.18 31.30
CA LEU B 436 -36.37 0.17 30.78
C LEU B 436 -37.36 0.41 29.66
N PRO B 437 -37.70 1.67 29.40
CA PRO B 437 -38.66 1.94 28.33
C PRO B 437 -38.24 1.39 26.96
N VAL B 438 -39.22 0.85 26.25
CA VAL B 438 -39.00 0.27 24.93
C VAL B 438 -39.57 1.20 23.86
N ALA B 439 -38.82 1.42 22.79
CA ALA B 439 -39.30 2.27 21.72
C ALA B 439 -40.08 1.40 20.75
N PRO B 440 -41.31 1.81 20.42
CA PRO B 440 -42.15 1.05 19.49
C PRO B 440 -41.44 0.63 18.21
N PHE B 441 -40.66 1.54 17.62
CA PHE B 441 -39.98 1.20 16.38
C PHE B 441 -38.88 0.16 16.52
N MET B 442 -38.62 -0.31 17.73
CA MET B 442 -37.60 -1.34 17.95
C MET B 442 -38.19 -2.62 18.53
N ASP B 443 -39.49 -2.58 18.81
CA ASP B 443 -40.20 -3.71 19.40
C ASP B 443 -40.47 -4.87 18.43
N ARG B 444 -40.03 -6.07 18.78
CA ARG B 444 -40.25 -7.26 17.95
C ARG B 444 -41.73 -7.40 17.58
N ASP B 445 -42.58 -7.31 18.60
CA ASP B 445 -44.02 -7.46 18.44
C ASP B 445 -44.72 -6.35 17.67
N LYS B 446 -43.98 -5.52 16.94
CA LYS B 446 -44.62 -4.43 16.21
C LYS B 446 -43.95 -4.04 14.89
N VAL B 447 -42.67 -4.39 14.76
CA VAL B 447 -41.94 -4.02 13.57
C VAL B 447 -41.79 -5.12 12.54
N THR B 448 -41.98 -4.73 11.28
CA THR B 448 -41.84 -5.64 10.15
C THR B 448 -40.88 -4.91 9.21
N LYS B 449 -40.06 -5.64 8.46
CA LYS B 449 -39.14 -4.97 7.56
C LYS B 449 -39.83 -3.90 6.74
N ALA B 450 -41.05 -4.19 6.29
CA ALA B 450 -41.82 -3.25 5.48
C ALA B 450 -42.25 -1.98 6.19
N THR B 451 -42.87 -2.11 7.36
CA THR B 451 -43.32 -0.95 8.11
C THR B 451 -42.14 -0.08 8.52
N ALA B 452 -41.04 -0.72 8.88
CA ALA B 452 -39.82 -0.04 9.29
C ALA B 452 -39.26 0.83 8.18
N GLU B 453 -39.10 0.24 7.00
CA GLU B 453 -38.53 0.95 5.85
C GLU B 453 -39.46 1.88 5.07
N ILE B 454 -40.75 1.57 5.00
CA ILE B 454 -41.65 2.43 4.24
C ILE B 454 -41.65 3.84 4.77
N GLY B 455 -41.89 3.98 6.06
CA GLY B 455 -41.93 5.30 6.67
C GLY B 455 -40.58 6.00 6.59
N PHE B 456 -39.52 5.23 6.83
CA PHE B 456 -38.16 5.77 6.80
C PHE B 456 -37.78 6.27 5.43
N ILE B 457 -38.14 5.49 4.39
CA ILE B 457 -37.85 5.87 3.02
C ILE B 457 -38.69 7.09 2.60
N LYS B 458 -40.00 7.00 2.84
CA LYS B 458 -40.92 8.07 2.47
C LYS B 458 -40.75 9.40 3.20
N PHE B 459 -40.47 9.35 4.50
CA PHE B 459 -40.36 10.60 5.24
C PHE B 459 -38.96 11.08 5.63
N VAL B 460 -37.98 10.19 5.59
CA VAL B 460 -36.63 10.61 5.93
C VAL B 460 -35.74 10.65 4.69
N LEU B 461 -35.54 9.49 4.05
CA LEU B 461 -34.68 9.39 2.88
C LEU B 461 -35.04 10.21 1.64
N ILE B 462 -36.22 9.98 1.07
CA ILE B 462 -36.62 10.68 -0.13
C ILE B 462 -36.57 12.20 -0.02
N PRO B 463 -37.09 12.76 1.09
CA PRO B 463 -37.08 14.22 1.27
C PRO B 463 -35.66 14.79 1.33
N MET B 464 -34.78 14.11 2.06
CA MET B 464 -33.40 14.56 2.19
C MET B 464 -32.68 14.52 0.85
N PHE B 465 -32.81 13.42 0.11
CA PHE B 465 -32.16 13.37 -1.19
C PHE B 465 -32.78 14.33 -2.19
N GLU B 466 -34.06 14.65 -2.01
CA GLU B 466 -34.71 15.58 -2.91
C GLU B 466 -34.07 16.96 -2.82
N THR B 467 -33.72 17.39 -1.62
CA THR B 467 -33.09 18.69 -1.44
C THR B 467 -31.70 18.71 -2.06
N VAL B 468 -30.94 17.63 -1.85
CA VAL B 468 -29.60 17.53 -2.40
C VAL B 468 -29.65 17.56 -3.94
N THR B 469 -30.75 17.07 -4.50
CA THR B 469 -30.92 17.05 -5.96
C THR B 469 -31.05 18.44 -6.55
N LYS B 470 -31.55 19.38 -5.75
CA LYS B 470 -31.68 20.74 -6.21
C LYS B 470 -30.30 21.33 -6.50
N LEU B 471 -29.27 20.78 -5.85
CA LEU B 471 -27.89 21.24 -6.06
C LEU B 471 -27.13 20.33 -7.02
N PHE B 472 -27.45 19.03 -6.99
CA PHE B 472 -26.81 18.03 -7.85
C PHE B 472 -27.89 17.21 -8.54
N PRO B 473 -28.49 17.75 -9.60
CA PRO B 473 -29.54 17.09 -10.36
C PRO B 473 -29.27 15.65 -10.75
N MET B 474 -28.01 15.28 -10.93
CA MET B 474 -27.68 13.91 -11.31
C MET B 474 -28.02 12.91 -10.20
N VAL B 475 -28.26 13.42 -8.99
CA VAL B 475 -28.61 12.57 -7.87
C VAL B 475 -29.98 11.91 -8.06
N GLU B 476 -30.86 12.56 -8.80
CA GLU B 476 -32.20 12.02 -9.01
C GLU B 476 -32.19 10.67 -9.71
N GLU B 477 -31.49 10.58 -10.83
CA GLU B 477 -31.45 9.33 -11.57
C GLU B 477 -30.66 8.24 -10.86
N ILE B 478 -29.57 8.63 -10.21
CA ILE B 478 -28.72 7.67 -9.51
C ILE B 478 -29.16 7.26 -8.12
N MET B 479 -29.82 8.15 -7.39
CA MET B 479 -30.22 7.80 -6.03
C MET B 479 -31.70 7.86 -5.68
N LEU B 480 -32.42 8.83 -6.23
CA LEU B 480 -33.85 8.90 -5.93
C LEU B 480 -34.58 7.73 -6.62
N GLN B 481 -34.17 7.44 -7.85
CA GLN B 481 -34.77 6.35 -8.61
C GLN B 481 -34.83 5.06 -7.79
N PRO B 482 -33.68 4.58 -7.30
CA PRO B 482 -33.70 3.35 -6.51
C PRO B 482 -34.48 3.46 -5.19
N LEU B 483 -34.50 4.65 -4.61
CA LEU B 483 -35.25 4.86 -3.37
C LEU B 483 -36.74 4.72 -3.70
N TRP B 484 -37.16 5.25 -4.85
CA TRP B 484 -38.56 5.16 -5.26
C TRP B 484 -38.94 3.69 -5.46
N GLU B 485 -38.05 2.94 -6.10
CA GLU B 485 -38.26 1.52 -6.36
C GLU B 485 -38.32 0.73 -5.05
N SER B 486 -37.48 1.10 -4.09
CA SER B 486 -37.47 0.41 -2.80
C SER B 486 -38.75 0.74 -2.06
N ARG B 487 -39.20 1.99 -2.17
CA ARG B 487 -40.42 2.41 -1.50
C ARG B 487 -41.61 1.60 -2.01
N ASP B 488 -41.71 1.49 -3.34
CA ASP B 488 -42.82 0.75 -3.94
C ASP B 488 -42.74 -0.74 -3.65
N ARG B 489 -41.54 -1.31 -3.73
CA ARG B 489 -41.36 -2.71 -3.46
C ARG B 489 -41.75 -3.05 -2.02
N TYR B 490 -41.42 -2.18 -1.08
CA TYR B 490 -41.76 -2.44 0.32
C TYR B 490 -43.22 -2.19 0.60
N GLU B 491 -43.81 -1.21 -0.06
CA GLU B 491 -45.22 -0.92 0.15
C GLU B 491 -46.05 -2.10 -0.34
N GLU B 492 -45.70 -2.61 -1.52
CA GLU B 492 -46.39 -3.76 -2.10
C GLU B 492 -46.21 -4.98 -1.19
N LEU B 493 -45.02 -5.09 -0.62
CA LEU B 493 -44.68 -6.18 0.26
C LEU B 493 -45.52 -6.14 1.55
N LYS B 494 -45.92 -4.94 1.95
CA LYS B 494 -46.72 -4.79 3.15
C LYS B 494 -48.15 -5.25 2.87
N ARG B 495 -48.65 -4.96 1.66
CA ARG B 495 -49.99 -5.36 1.27
C ARG B 495 -50.06 -6.88 1.37
N ILE B 496 -49.05 -7.53 0.83
CA ILE B 496 -48.98 -8.98 0.87
C ILE B 496 -48.97 -9.42 2.33
N ASP B 497 -48.39 -8.60 3.19
CA ASP B 497 -48.34 -8.94 4.61
C ASP B 497 -49.69 -8.75 5.27
N ASP B 498 -50.34 -7.63 5.02
CA ASP B 498 -51.65 -7.38 5.60
C ASP B 498 -52.66 -8.41 5.12
N ALA B 499 -52.64 -8.67 3.82
CA ALA B 499 -53.56 -9.64 3.22
C ALA B 499 -53.34 -11.02 3.81
N MET B 500 -52.10 -11.30 4.19
CA MET B 500 -51.74 -12.59 4.77
C MET B 500 -52.18 -12.68 6.22
N LYS B 501 -52.05 -11.59 6.96
CA LYS B 501 -52.45 -11.57 8.36
C LYS B 501 -53.96 -11.65 8.42
N GLU B 502 -54.60 -11.01 7.45
CA GLU B 502 -56.05 -11.01 7.37
C GLU B 502 -56.53 -12.45 7.16
N LEU B 503 -55.89 -13.15 6.22
CA LEU B 503 -56.23 -14.52 5.90
C LEU B 503 -56.05 -15.48 7.08
N GLN B 504 -55.61 -14.96 8.22
CA GLN B 504 -55.38 -15.80 9.39
C GLN B 504 -56.26 -15.51 10.58
N LYS B 505 -56.65 -14.25 10.75
CA LYS B 505 -57.51 -13.88 11.88
C LYS B 505 -58.96 -14.17 11.49
N9 IBM C . 33.34 -14.32 -5.83
C8 IBM C . 33.87 -14.52 -4.58
N7 IBM C . 33.17 -13.97 -3.61
C5 IBM C . 32.10 -13.38 -4.27
C4 IBM C . 32.18 -13.59 -5.64
N3 IBM C . 31.32 -13.18 -6.59
C2 IBM C . 30.26 -12.46 -6.12
N1 IBM C . 30.09 -12.20 -4.75
C6 IBM C . 31.00 -12.65 -3.83
O6 IBM C . 30.86 -12.42 -2.62
O2 IBM C . 29.42 -12.05 -6.91
C10 IBM C . 28.92 -11.44 -4.29
C11 IBM C . 31.45 -13.52 -8.01
C12 IBM C . 32.90 -13.32 -8.49
C13 IBM C . 32.87 -12.72 -9.90
C14 IBM C . 33.64 -14.66 -8.54
ZN ZN D . 22.89 -10.08 -8.85
MG MG E . 23.41 -11.45 -11.82
N9 IBM F . -36.00 3.03 11.00
C8 IBM F . -36.08 2.24 9.89
N7 IBM F . -34.98 2.19 9.19
C5 IBM F . -34.11 3.01 9.91
C4 IBM F . -34.73 3.53 11.02
N3 IBM F . -34.19 4.35 11.94
C2 IBM F . -32.89 4.71 11.70
N1 IBM F . -32.19 4.22 10.59
C6 IBM F . -32.80 3.38 9.71
O6 IBM F . -32.18 2.94 8.74
O2 IBM F . -32.33 5.48 12.48
C10 IBM F . -30.80 4.62 10.40
C11 IBM F . -34.92 4.78 13.12
C12 IBM F . -35.30 6.26 12.98
C13 IBM F . -35.91 6.74 14.28
C14 IBM F . -36.28 6.43 11.85
ZN ZN G . -23.73 4.85 10.66
MG MG H . -24.06 6.37 13.82
#